data_9CFP
#
_entry.id   9CFP
#
_cell.length_a   1.00
_cell.length_b   1.00
_cell.length_c   1.00
_cell.angle_alpha   90.00
_cell.angle_beta   90.00
_cell.angle_gamma   90.00
#
_symmetry.space_group_name_H-M   'P 1'
#
loop_
_entity.id
_entity.type
_entity.pdbx_description
1 polymer 'Transport permease protein'
2 polymer 'Teichoic acids export ATP-binding protein TagH'
3 non-polymer Targocil-II
4 non-polymer 'PHOSPHOAMINOPHOSPHONIC ACID-ADENYLATE ESTER'
5 non-polymer 'MAGNESIUM ION'
6 water water
#
loop_
_entity_poly.entity_id
_entity_poly.type
_entity_poly.pdbx_seq_one_letter_code
_entity_poly.pdbx_strand_id
1 'polypeptide(L)'
;MGSSHHHHHHHHHHSSGLVPRGSHMSAIGTVFKEHVKNFYLIQRLAQFQVKIINHSNYLGVAWELINPVMQIMVYWMVFG
LGIRSNAPIHGVPFVYWLLVGISMWFFINQGILEGTKAITQKFNQVSKMNFPLSIIPTYIVTSRFYGHLGLLLLVIIACM
FTGIYPSIHIIQLLIYVPFCFFLTASVTLLTSTLGVLVRDTQMLMQAILRILFYFSPILWLPKNHGISGLIHEMMKYNPV
YFIAESYRAAILYHEWYFMDHWKLMLYNFGIVAIFFAIGAYLHMKYRDQFADFL
;
A,C
2 'polypeptide(L)'
;MNVSVNIKNVTKEYRIYRTNKERMKDALIPKHKNKTFFALDDISLKAYEGDVIGLVGINGSGKSTLSNIIGGSLSPTVGK
VDRNGEVSVIAISAGLSGQLTGIENIEFKMLCMGFKRKEIKAMTPKIIEFSELGEFIYQPVKKYSSGMRAKLGFSINITV
NPDILVIDEALSVGDQTFAQKCLDKIYEFKEQNKTIFFVSHNLGQVRQFCTKIAWIEGGKLKDYGELDDVLPKYEAFLND
FKKKSKAEQKEFRNKLDESRFVIK
;
B,D
#
loop_
_chem_comp.id
_chem_comp.type
_chem_comp.name
_chem_comp.formula
A1AV9 non-polymer Targocil-II 'C26 H22 Cl N O6'
ANP non-polymer 'PHOSPHOAMINOPHOSPHONIC ACID-ADENYLATE ESTER' 'C10 H17 N6 O12 P3'
MG non-polymer 'MAGNESIUM ION' 'Mg 2'
#
# COMPACT_ATOMS: atom_id res chain seq x y z
N MET A 25 10.53 10.56 33.32
CA MET A 25 10.76 12.00 33.35
C MET A 25 11.67 12.42 32.20
N SER A 26 12.60 11.54 31.83
CA SER A 26 13.48 11.81 30.69
C SER A 26 12.74 11.65 29.37
N ALA A 27 11.74 10.76 29.32
CA ALA A 27 10.98 10.55 28.10
C ALA A 27 10.21 11.81 27.69
N ILE A 28 9.59 12.48 28.67
CA ILE A 28 8.83 13.68 28.36
C ILE A 28 9.73 14.77 27.81
N GLY A 29 10.89 14.98 28.46
CA GLY A 29 11.82 15.98 27.98
C GLY A 29 12.37 15.64 26.60
N THR A 30 12.66 14.36 26.37
CA THR A 30 13.17 13.94 25.06
C THR A 30 12.15 14.19 23.96
N VAL A 31 10.89 13.81 24.20
CA VAL A 31 9.85 14.01 23.18
C VAL A 31 9.61 15.50 22.96
N PHE A 32 9.59 16.29 24.03
CA PHE A 32 9.39 17.73 23.88
C PHE A 32 10.52 18.36 23.07
N LYS A 33 11.77 17.96 23.34
CA LYS A 33 12.90 18.49 22.59
C LYS A 33 12.82 18.08 21.12
N GLU A 34 12.46 16.83 20.85
CA GLU A 34 12.34 16.37 19.46
C GLU A 34 11.27 17.16 18.72
N HIS A 35 10.14 17.43 19.37
CA HIS A 35 9.08 18.18 18.70
C HIS A 35 9.44 19.64 18.51
N VAL A 36 10.12 20.24 19.50
CA VAL A 36 10.48 21.65 19.39
C VAL A 36 11.52 21.85 18.30
N LYS A 37 12.49 20.93 18.19
CA LYS A 37 13.56 21.10 17.22
C LYS A 37 13.08 20.98 15.77
N ASN A 38 12.06 20.16 15.53
CA ASN A 38 11.62 19.82 14.17
C ASN A 38 10.26 20.41 13.82
N PHE A 39 10.01 21.65 14.24
CA PHE A 39 8.71 22.28 13.98
C PHE A 39 8.50 22.53 12.49
N TYR A 40 9.47 23.17 11.84
CA TYR A 40 9.33 23.50 10.43
C TYR A 40 9.33 22.24 9.56
N LEU A 41 10.12 21.23 9.94
CA LEU A 41 10.09 19.97 9.23
C LEU A 41 8.71 19.33 9.32
N ILE A 42 8.08 19.38 10.50
CA ILE A 42 6.74 18.85 10.66
C ILE A 42 5.77 19.59 9.76
N GLN A 43 5.86 20.92 9.73
CA GLN A 43 4.96 21.70 8.88
C GLN A 43 5.13 21.34 7.40
N ARG A 44 6.38 21.24 6.95
CA ARG A 44 6.62 20.94 5.54
C ARG A 44 6.16 19.54 5.18
N LEU A 45 6.40 18.56 6.05
CA LEU A 45 5.94 17.21 5.79
C LEU A 45 4.42 17.12 5.76
N ALA A 46 3.74 17.86 6.63
CA ALA A 46 2.28 17.91 6.58
C ALA A 46 1.79 18.51 5.27
N GLN A 47 2.42 19.61 4.84
CA GLN A 47 2.05 20.24 3.57
C GLN A 47 2.26 19.29 2.39
N PHE A 48 3.33 18.49 2.43
CA PHE A 48 3.57 17.53 1.37
C PHE A 48 2.56 16.39 1.40
N GLN A 49 2.20 15.91 2.60
CA GLN A 49 1.21 14.84 2.70
C GLN A 49 -0.16 15.30 2.20
N VAL A 50 -0.52 16.56 2.46
CA VAL A 50 -1.78 17.08 1.95
C VAL A 50 -1.85 16.95 0.43
N LYS A 51 -0.76 17.30 -0.25
CA LYS A 51 -0.71 17.16 -1.71
C LYS A 51 -0.69 15.69 -2.12
N ILE A 52 -0.01 14.84 -1.34
CA ILE A 52 0.10 13.43 -1.71
C ILE A 52 -1.26 12.75 -1.69
N ILE A 53 -2.06 13.01 -0.65
CA ILE A 53 -3.35 12.31 -0.53
C ILE A 53 -4.40 12.83 -1.51
N ASN A 54 -4.17 13.97 -2.15
CA ASN A 54 -5.09 14.55 -3.11
C ASN A 54 -4.47 14.62 -4.50
N HIS A 55 -3.83 13.53 -4.91
CA HIS A 55 -3.02 13.55 -6.14
C HIS A 55 -3.89 13.49 -7.39
N SER A 56 -4.65 12.42 -7.56
CA SER A 56 -5.34 12.16 -8.81
C SER A 56 -6.74 12.76 -8.88
N ASN A 57 -7.19 13.46 -7.85
CA ASN A 57 -8.49 14.11 -7.91
C ASN A 57 -8.44 15.32 -8.84
N TYR A 58 -9.51 15.49 -9.62
CA TYR A 58 -9.55 16.60 -10.57
C TYR A 58 -9.73 17.94 -9.86
N LEU A 59 -10.53 17.98 -8.80
CA LEU A 59 -10.71 19.22 -8.06
C LEU A 59 -9.50 19.57 -7.21
N GLY A 60 -8.76 18.57 -6.76
CA GLY A 60 -7.53 18.81 -6.03
C GLY A 60 -7.70 18.85 -4.52
N VAL A 61 -7.28 19.95 -3.89
CA VAL A 61 -7.33 20.09 -2.44
C VAL A 61 -8.67 20.66 -2.02
N ALA A 62 -9.54 20.95 -3.00
CA ALA A 62 -10.86 21.45 -2.70
C ALA A 62 -11.70 20.43 -1.94
N TRP A 63 -11.44 19.14 -2.13
CA TRP A 63 -12.21 18.11 -1.44
C TRP A 63 -12.06 18.20 0.08
N GLU A 64 -10.93 18.70 0.57
CA GLU A 64 -10.78 18.91 2.00
C GLU A 64 -11.84 19.85 2.57
N LEU A 65 -12.39 20.74 1.73
CA LEU A 65 -13.52 21.56 2.12
C LEU A 65 -14.86 21.00 1.68
N ILE A 66 -14.87 20.08 0.72
CA ILE A 66 -16.13 19.58 0.18
C ILE A 66 -16.60 18.35 0.95
N ASN A 67 -15.68 17.48 1.32
CA ASN A 67 -16.06 16.25 2.03
C ASN A 67 -16.78 16.50 3.35
N PRO A 68 -16.31 17.36 4.26
CA PRO A 68 -17.08 17.61 5.48
C PRO A 68 -18.40 18.33 5.24
N VAL A 69 -18.44 19.32 4.34
CA VAL A 69 -19.63 20.14 4.18
C VAL A 69 -20.84 19.27 3.84
N MET A 70 -20.69 18.36 2.87
CA MET A 70 -21.79 17.47 2.52
C MET A 70 -22.30 16.74 3.75
N GLN A 71 -21.39 16.19 4.57
CA GLN A 71 -21.81 15.49 5.78
C GLN A 71 -22.67 16.40 6.65
N ILE A 72 -22.26 17.65 6.83
CA ILE A 72 -23.02 18.59 7.63
C ILE A 72 -24.44 18.69 7.09
N MET A 73 -24.58 18.81 5.76
CA MET A 73 -25.90 18.89 5.15
C MET A 73 -26.76 17.71 5.58
N VAL A 74 -26.20 16.49 5.49
CA VAL A 74 -26.96 15.32 5.90
C VAL A 74 -27.36 15.44 7.36
N TYR A 75 -26.42 15.84 8.22
CA TYR A 75 -26.74 15.93 9.64
C TYR A 75 -27.75 17.03 9.92
N TRP A 76 -27.93 17.97 9.00
CA TRP A 76 -28.97 18.98 9.18
C TRP A 76 -30.31 18.46 8.68
N MET A 77 -30.30 17.58 7.68
CA MET A 77 -31.55 17.08 7.12
C MET A 77 -32.19 16.06 8.04
N VAL A 78 -31.38 15.26 8.73
CA VAL A 78 -31.91 14.20 9.58
C VAL A 78 -32.28 14.73 10.95
N PHE A 79 -31.30 15.28 11.67
CA PHE A 79 -31.50 15.70 13.05
C PHE A 79 -32.10 17.09 13.18
N GLY A 80 -32.05 17.90 12.12
CA GLY A 80 -32.58 19.24 12.19
C GLY A 80 -33.97 19.39 11.60
N LEU A 81 -34.17 18.85 10.39
CA LEU A 81 -35.47 18.93 9.76
C LEU A 81 -36.40 17.81 10.22
N GLY A 82 -35.89 16.58 10.23
CA GLY A 82 -36.69 15.45 10.65
C GLY A 82 -37.02 15.49 12.12
N ILE A 83 -36.01 15.32 12.97
CA ILE A 83 -36.18 15.48 14.40
C ILE A 83 -36.08 16.96 14.75
N ARG A 84 -36.66 17.32 15.91
CA ARG A 84 -36.65 18.68 16.45
C ARG A 84 -37.55 19.62 15.67
N SER A 85 -38.04 19.19 14.50
CA SER A 85 -38.91 19.98 13.64
C SER A 85 -38.35 21.39 13.41
N ASN A 86 -37.02 21.49 13.32
CA ASN A 86 -36.32 22.76 13.10
C ASN A 86 -36.66 23.78 14.19
N ALA A 87 -36.47 23.37 15.43
CA ALA A 87 -36.72 24.28 16.56
C ALA A 87 -35.41 24.90 17.03
N PRO A 88 -35.40 26.21 17.26
CA PRO A 88 -34.17 26.88 17.69
C PRO A 88 -33.78 26.51 19.11
N ILE A 89 -32.49 26.68 19.42
CA ILE A 89 -31.93 26.38 20.73
C ILE A 89 -31.28 27.65 21.26
N HIS A 90 -31.66 28.04 22.48
CA HIS A 90 -31.05 29.16 23.20
C HIS A 90 -31.16 30.47 22.42
N GLY A 91 -32.24 30.64 21.66
CA GLY A 91 -32.43 31.83 20.87
C GLY A 91 -31.64 31.87 19.58
N VAL A 92 -30.94 30.80 19.24
CA VAL A 92 -30.14 30.73 18.02
C VAL A 92 -30.78 29.73 17.07
N PRO A 93 -30.81 29.98 15.77
CA PRO A 93 -31.30 28.96 14.83
C PRO A 93 -30.46 27.70 14.92
N PHE A 94 -31.13 26.55 14.72
CA PHE A 94 -30.44 25.27 14.89
C PHE A 94 -29.35 25.07 13.85
N VAL A 95 -29.46 25.70 12.69
CA VAL A 95 -28.48 25.48 11.63
C VAL A 95 -27.10 25.97 12.06
N TYR A 96 -27.03 27.19 12.61
CA TYR A 96 -25.75 27.72 13.06
C TYR A 96 -25.27 27.09 14.36
N TRP A 97 -26.21 26.72 15.23
CA TRP A 97 -25.86 25.97 16.44
C TRP A 97 -25.17 24.66 16.08
N LEU A 98 -25.65 23.98 15.04
CA LEU A 98 -24.99 22.75 14.59
C LEU A 98 -23.70 23.06 13.83
N LEU A 99 -23.69 24.15 13.05
CA LEU A 99 -22.52 24.49 12.27
C LEU A 99 -21.32 24.78 13.15
N VAL A 100 -21.51 25.49 14.26
CA VAL A 100 -20.38 25.83 15.14
C VAL A 100 -19.85 24.58 15.83
N GLY A 101 -20.74 23.67 16.22
CA GLY A 101 -20.30 22.51 16.99
C GLY A 101 -19.75 21.38 16.13
N ILE A 102 -20.13 21.34 14.85
CA ILE A 102 -19.72 20.23 14.00
C ILE A 102 -18.34 20.45 13.40
N SER A 103 -17.78 21.65 13.53
CA SER A 103 -16.57 22.00 12.79
C SER A 103 -15.37 21.16 13.22
N MET A 104 -15.21 20.93 14.53
CA MET A 104 -13.99 20.29 15.02
C MET A 104 -14.05 18.78 14.87
N TRP A 105 -15.25 18.23 14.67
CA TRP A 105 -15.42 16.78 14.74
C TRP A 105 -14.68 16.07 13.62
N PHE A 106 -14.74 16.60 12.41
CA PHE A 106 -14.07 15.95 11.29
C PHE A 106 -12.56 15.91 11.51
N PHE A 107 -11.99 17.03 11.97
CA PHE A 107 -10.56 17.05 12.26
C PHE A 107 -10.20 16.05 13.34
N ILE A 108 -10.96 16.02 14.44
CA ILE A 108 -10.63 15.12 15.54
C ILE A 108 -10.73 13.67 15.10
N ASN A 109 -11.84 13.31 14.45
CA ASN A 109 -12.05 11.93 14.02
C ASN A 109 -10.97 11.49 13.04
N GLN A 110 -10.71 12.31 12.01
CA GLN A 110 -9.72 11.93 11.00
C GLN A 110 -8.33 11.83 11.61
N GLY A 111 -7.95 12.79 12.46
CA GLY A 111 -6.63 12.75 13.06
C GLY A 111 -6.43 11.52 13.93
N ILE A 112 -7.43 11.20 14.77
CA ILE A 112 -7.29 10.04 15.64
C ILE A 112 -7.29 8.75 14.82
N LEU A 113 -8.10 8.69 13.76
CA LEU A 113 -8.17 7.46 12.98
C LEU A 113 -6.92 7.22 12.15
N GLU A 114 -6.34 8.27 11.56
CA GLU A 114 -5.17 8.11 10.71
C GLU A 114 -3.86 8.09 11.48
N GLY A 115 -3.80 8.74 12.65
CA GLY A 115 -2.58 8.73 13.43
C GLY A 115 -2.28 7.41 14.11
N THR A 116 -3.30 6.57 14.30
CA THR A 116 -3.08 5.26 14.91
C THR A 116 -2.33 4.32 13.99
N LYS A 117 -2.45 4.52 12.68
CA LYS A 117 -1.79 3.68 11.68
C LYS A 117 -0.58 4.35 11.04
N ALA A 118 -0.12 5.46 11.60
CA ALA A 118 0.97 6.21 10.96
C ALA A 118 2.28 5.44 11.04
N ILE A 119 2.64 4.93 12.22
CA ILE A 119 3.89 4.21 12.37
C ILE A 119 3.84 2.87 11.65
N THR A 120 2.72 2.15 11.78
CA THR A 120 2.61 0.83 11.19
C THR A 120 2.71 0.89 9.67
N GLN A 121 2.03 1.85 9.04
CA GLN A 121 2.00 1.92 7.59
C GLN A 121 3.32 2.43 7.01
N LYS A 122 3.92 3.44 7.64
CA LYS A 122 5.07 4.14 7.08
C LYS A 122 6.35 3.88 7.88
N PHE A 123 6.56 2.64 8.32
CA PHE A 123 7.77 2.34 9.09
C PHE A 123 8.98 2.08 8.20
N ASN A 124 8.81 1.27 7.15
CA ASN A 124 9.95 0.90 6.31
C ASN A 124 10.55 2.10 5.59
N GLN A 125 9.72 3.01 5.10
CA GLN A 125 10.22 4.17 4.38
C GLN A 125 10.94 5.16 5.30
N VAL A 126 10.70 5.08 6.61
CA VAL A 126 11.33 5.99 7.56
C VAL A 126 12.36 5.30 8.45
N SER A 127 12.39 3.97 8.49
CA SER A 127 13.42 3.29 9.26
C SER A 127 14.80 3.58 8.70
N LYS A 128 14.94 3.59 7.38
CA LYS A 128 16.20 3.96 6.75
C LYS A 128 16.48 5.45 6.93
N MET A 129 15.45 6.28 6.84
CA MET A 129 15.62 7.71 6.98
C MET A 129 15.95 8.07 8.43
N ASN A 130 16.59 9.22 8.62
CA ASN A 130 17.10 9.64 9.92
C ASN A 130 16.38 10.92 10.35
N PHE A 131 15.22 10.75 10.98
CA PHE A 131 14.54 11.81 11.71
C PHE A 131 13.81 11.16 12.87
N PRO A 132 13.48 11.93 13.91
CA PRO A 132 12.82 11.33 15.08
C PRO A 132 11.52 10.65 14.71
N LEU A 133 11.28 9.49 15.33
CA LEU A 133 10.08 8.70 15.08
C LEU A 133 8.87 9.20 15.85
N SER A 134 9.06 10.07 16.84
CA SER A 134 7.95 10.59 17.63
C SER A 134 7.21 11.71 16.93
N ILE A 135 7.75 12.25 15.83
CA ILE A 135 7.10 13.33 15.09
C ILE A 135 6.33 12.81 13.88
N ILE A 136 6.28 11.49 13.69
CA ILE A 136 5.61 10.91 12.54
C ILE A 136 4.10 11.09 12.65
N PRO A 137 3.43 10.67 13.73
CA PRO A 137 1.99 10.95 13.83
C PRO A 137 1.66 12.42 13.87
N THR A 138 2.50 13.25 14.50
CA THR A 138 2.14 14.65 14.71
C THR A 138 1.86 15.37 13.41
N TYR A 139 2.79 15.30 12.44
CA TYR A 139 2.53 15.96 11.17
C TYR A 139 1.35 15.35 10.44
N ILE A 140 1.08 14.06 10.65
CA ILE A 140 -0.15 13.47 10.13
C ILE A 140 -1.36 14.26 10.63
N VAL A 141 -1.40 14.52 11.94
CA VAL A 141 -2.45 15.36 12.49
C VAL A 141 -2.40 16.74 11.86
N THR A 142 -1.19 17.28 11.65
CA THR A 142 -1.06 18.59 11.03
C THR A 142 -1.55 18.60 9.60
N SER A 143 -1.67 17.43 8.98
CA SER A 143 -2.19 17.37 7.58
C SER A 143 -3.70 17.68 7.59
N ARG A 144 -4.37 17.47 8.71
CA ARG A 144 -5.81 17.72 8.80
C ARG A 144 -6.14 19.08 9.41
N PHE A 145 -5.34 19.54 10.39
CA PHE A 145 -5.62 20.80 11.06
C PHE A 145 -5.83 21.93 10.06
N TYR A 146 -4.96 22.03 9.04
CA TYR A 146 -5.15 23.02 7.98
C TYR A 146 -6.60 23.09 7.53
N GLY A 147 -7.13 21.95 7.06
CA GLY A 147 -8.49 21.95 6.57
C GLY A 147 -9.47 22.45 7.61
N HIS A 148 -9.34 21.97 8.86
CA HIS A 148 -10.22 22.44 9.92
C HIS A 148 -10.21 23.95 9.99
N LEU A 149 -9.02 24.56 10.02
CA LEU A 149 -8.93 26.02 10.09
C LEU A 149 -9.76 26.65 8.99
N GLY A 150 -9.59 26.19 7.75
CA GLY A 150 -10.36 26.76 6.66
C GLY A 150 -11.85 26.70 6.94
N LEU A 151 -12.35 25.51 7.31
CA LEU A 151 -13.76 25.37 7.60
C LEU A 151 -14.18 26.36 8.68
N LEU A 152 -13.38 26.45 9.75
CA LEU A 152 -13.73 27.36 10.83
C LEU A 152 -13.92 28.77 10.29
N LEU A 153 -12.99 29.23 9.45
CA LEU A 153 -13.12 30.58 8.90
C LEU A 153 -14.47 30.74 8.20
N LEU A 154 -14.80 29.80 7.32
CA LEU A 154 -16.06 29.90 6.60
C LEU A 154 -17.24 29.98 7.55
N VAL A 155 -17.21 29.18 8.63
CA VAL A 155 -18.31 29.19 9.58
C VAL A 155 -18.52 30.59 10.12
N ILE A 156 -17.43 31.25 10.53
CA ILE A 156 -17.56 32.61 11.04
C ILE A 156 -18.12 33.52 9.97
N ILE A 157 -17.63 33.38 8.74
CA ILE A 157 -18.15 34.19 7.63
C ILE A 157 -19.62 33.88 7.40
N ALA A 158 -20.02 32.62 7.61
CA ALA A 158 -21.42 32.26 7.43
C ALA A 158 -22.30 32.76 8.57
N CYS A 159 -21.70 33.19 9.69
CA CYS A 159 -22.50 33.59 10.83
C CYS A 159 -22.95 35.05 10.75
N MET A 160 -22.38 35.84 9.85
CA MET A 160 -22.72 37.26 9.76
C MET A 160 -24.04 37.50 9.05
N PHE A 161 -24.55 36.54 8.28
CA PHE A 161 -25.79 36.75 7.55
C PHE A 161 -27.01 36.75 8.45
N THR A 162 -26.94 36.08 9.61
CA THR A 162 -28.05 36.12 10.56
C THR A 162 -28.07 37.42 11.34
N GLY A 163 -26.90 38.01 11.59
CA GLY A 163 -26.80 39.20 12.39
C GLY A 163 -25.77 39.04 13.50
N ILE A 164 -25.09 37.91 13.51
CA ILE A 164 -24.07 37.62 14.52
C ILE A 164 -22.74 38.10 13.98
N TYR A 165 -22.19 39.15 14.58
CA TYR A 165 -20.93 39.74 14.16
C TYR A 165 -19.84 39.47 15.18
N PRO A 166 -18.58 39.39 14.75
CA PRO A 166 -17.49 39.09 15.68
C PRO A 166 -17.39 40.14 16.78
N SER A 167 -17.08 39.68 18.00
CA SER A 167 -16.97 40.55 19.16
C SER A 167 -15.61 40.37 19.82
N ILE A 168 -15.41 40.99 20.98
CA ILE A 168 -14.17 40.78 21.72
C ILE A 168 -14.06 39.35 22.23
N HIS A 169 -15.18 38.73 22.61
CA HIS A 169 -15.19 37.38 23.14
C HIS A 169 -14.65 36.34 22.17
N ILE A 170 -14.36 36.72 20.93
CA ILE A 170 -13.75 35.79 19.98
C ILE A 170 -12.27 35.57 20.25
N ILE A 171 -11.62 36.44 21.02
CA ILE A 171 -10.19 36.30 21.28
C ILE A 171 -9.95 35.01 22.06
N GLN A 172 -10.99 34.51 22.73
CA GLN A 172 -10.90 33.24 23.43
C GLN A 172 -10.49 32.10 22.53
N LEU A 173 -10.75 32.21 21.22
CA LEU A 173 -10.33 31.17 20.29
C LEU A 173 -8.82 30.93 20.38
N LEU A 174 -8.05 31.98 20.70
CA LEU A 174 -6.60 31.83 20.81
C LEU A 174 -6.20 30.80 21.87
N ILE A 175 -7.10 30.50 22.81
CA ILE A 175 -6.82 29.51 23.84
C ILE A 175 -7.49 28.19 23.46
N TYR A 176 -8.58 28.27 22.70
CA TYR A 176 -9.44 27.10 22.50
C TYR A 176 -9.09 26.31 21.25
N VAL A 177 -8.76 26.99 20.16
CA VAL A 177 -8.38 26.31 18.92
C VAL A 177 -7.09 25.50 19.12
N PRO A 178 -6.04 26.04 19.73
CA PRO A 178 -4.85 25.20 19.98
C PRO A 178 -5.13 24.00 20.87
N PHE A 179 -5.92 24.14 21.93
CA PHE A 179 -6.12 23.06 22.88
C PHE A 179 -6.64 21.80 22.19
N CYS A 180 -7.66 21.95 21.33
CA CYS A 180 -8.17 20.82 20.57
C CYS A 180 -7.04 20.10 19.86
N PHE A 181 -6.18 20.84 19.17
CA PHE A 181 -5.01 20.23 18.53
C PHE A 181 -4.18 19.46 19.56
N PHE A 182 -3.83 20.12 20.67
CA PHE A 182 -2.99 19.48 21.68
C PHE A 182 -3.69 18.27 22.28
N LEU A 183 -5.03 18.19 22.13
CA LEU A 183 -5.71 16.97 22.53
C LEU A 183 -5.46 15.86 21.54
N THR A 184 -5.75 16.10 20.26
CA THR A 184 -5.72 15.03 19.27
C THR A 184 -4.34 14.38 19.20
N ALA A 185 -3.29 15.19 19.05
CA ALA A 185 -1.93 14.67 19.03
C ALA A 185 -1.65 13.86 20.29
N SER A 186 -2.06 14.37 21.46
CA SER A 186 -1.79 13.66 22.70
C SER A 186 -2.40 12.27 22.70
N VAL A 187 -3.53 12.10 22.00
CA VAL A 187 -4.10 10.77 21.87
C VAL A 187 -3.25 9.92 20.92
N THR A 188 -2.94 10.46 19.73
CA THR A 188 -2.30 9.65 18.70
C THR A 188 -0.95 9.12 19.15
N LEU A 189 -0.15 9.98 19.80
CA LEU A 189 1.16 9.55 20.27
C LEU A 189 1.07 8.29 21.12
N LEU A 190 -0.04 8.14 21.84
CA LEU A 190 -0.26 6.88 22.56
C LEU A 190 -0.77 5.80 21.61
N THR A 191 -1.87 6.07 20.91
CA THR A 191 -2.55 5.02 20.16
C THR A 191 -1.69 4.46 19.02
N SER A 192 -0.71 5.22 18.54
CA SER A 192 0.23 4.68 17.57
C SER A 192 1.02 3.54 18.17
N THR A 193 1.66 3.78 19.33
CA THR A 193 2.45 2.73 19.96
C THR A 193 1.58 1.54 20.34
N LEU A 194 0.44 1.80 20.97
CA LEU A 194 -0.49 0.74 21.30
C LEU A 194 -0.98 0.01 20.06
N GLY A 195 -0.93 0.68 18.89
CA GLY A 195 -1.29 0.02 17.66
C GLY A 195 -0.22 -0.93 17.16
N VAL A 196 1.05 -0.63 17.43
CA VAL A 196 2.14 -1.51 16.99
C VAL A 196 2.16 -2.79 17.82
N LEU A 197 2.01 -2.65 19.15
CA LEU A 197 2.08 -3.82 20.02
C LEU A 197 0.91 -4.75 19.77
N VAL A 198 -0.31 -4.22 19.78
CA VAL A 198 -1.52 -4.99 19.54
C VAL A 198 -2.23 -4.39 18.34
N ARG A 199 -2.57 -5.23 17.37
CA ARG A 199 -3.21 -4.77 16.14
C ARG A 199 -4.71 -4.58 16.28
N ASP A 200 -5.33 -5.12 17.33
CA ASP A 200 -6.77 -5.02 17.51
C ASP A 200 -7.23 -3.63 17.89
N THR A 201 -6.34 -2.79 18.42
CA THR A 201 -6.75 -1.45 18.85
C THR A 201 -7.29 -0.62 17.69
N GLN A 202 -6.69 -0.76 16.50
CA GLN A 202 -7.19 -0.04 15.34
C GLN A 202 -8.63 -0.41 15.02
N MET A 203 -9.06 -1.62 15.39
CA MET A 203 -10.46 -1.99 15.23
C MET A 203 -11.32 -1.47 16.37
N LEU A 204 -10.75 -1.31 17.56
CA LEU A 204 -11.53 -0.82 18.69
C LEU A 204 -11.77 0.68 18.60
N MET A 205 -10.83 1.42 18.00
CA MET A 205 -10.94 2.88 17.95
C MET A 205 -12.23 3.30 17.26
N GLN A 206 -12.55 2.68 16.12
CA GLN A 206 -13.76 3.02 15.40
C GLN A 206 -15.00 2.83 16.27
N ALA A 207 -14.96 1.89 17.21
CA ALA A 207 -16.08 1.72 18.12
C ALA A 207 -16.15 2.81 19.17
N ILE A 208 -14.99 3.28 19.65
CA ILE A 208 -14.98 4.27 20.72
C ILE A 208 -15.47 5.62 20.22
N LEU A 209 -14.97 6.05 19.05
CA LEU A 209 -15.24 7.40 18.57
C LEU A 209 -16.73 7.63 18.34
N ARG A 210 -17.46 6.62 17.87
CA ARG A 210 -18.90 6.76 17.72
C ARG A 210 -19.56 7.10 19.04
N ILE A 211 -19.15 6.43 20.13
CA ILE A 211 -19.68 6.75 21.44
C ILE A 211 -19.35 8.18 21.82
N LEU A 212 -18.19 8.66 21.40
CA LEU A 212 -17.82 10.04 21.71
C LEU A 212 -18.58 11.04 20.86
N PHE A 213 -19.25 10.57 19.80
CA PHE A 213 -19.96 11.48 18.90
C PHE A 213 -21.40 11.70 19.35
N TYR A 214 -22.13 10.61 19.59
CA TYR A 214 -23.54 10.72 19.92
C TYR A 214 -23.79 11.17 21.35
N PHE A 215 -22.87 10.88 22.27
CA PHE A 215 -22.97 11.34 23.65
C PHE A 215 -22.19 12.64 23.81
N SER A 216 -22.67 13.67 23.11
CA SER A 216 -22.00 14.95 23.03
C SER A 216 -23.04 16.02 22.69
N PRO A 217 -22.76 17.29 23.00
CA PRO A 217 -23.74 18.35 22.70
C PRO A 217 -23.70 18.79 21.24
N ILE A 218 -23.05 17.99 20.38
CA ILE A 218 -22.93 18.36 18.98
C ILE A 218 -24.30 18.38 18.31
N LEU A 219 -25.15 17.39 18.59
CA LEU A 219 -26.45 17.28 17.95
C LEU A 219 -27.64 17.49 18.88
N TRP A 220 -27.46 17.33 20.19
CA TRP A 220 -28.58 17.39 21.11
C TRP A 220 -28.11 17.97 22.44
N LEU A 221 -29.08 18.40 23.25
CA LEU A 221 -28.81 18.97 24.57
C LEU A 221 -29.65 18.21 25.60
N PRO A 222 -29.05 17.63 26.62
CA PRO A 222 -29.83 16.88 27.61
C PRO A 222 -30.74 17.79 28.41
N LYS A 223 -31.77 17.18 29.01
CA LYS A 223 -32.80 17.98 29.73
C LYS A 223 -32.59 17.92 31.26
N ASN A 224 -31.89 16.91 31.77
CA ASN A 224 -31.67 16.78 33.20
C ASN A 224 -32.95 16.48 33.98
N HIS A 225 -32.87 16.56 35.30
CA HIS A 225 -34.00 16.34 36.22
C HIS A 225 -34.76 15.06 35.90
N GLY A 226 -34.02 13.97 35.71
CA GLY A 226 -34.62 12.68 35.46
C GLY A 226 -33.60 11.61 35.13
N ILE A 227 -33.97 10.66 34.26
CA ILE A 227 -33.00 9.68 33.78
C ILE A 227 -31.96 10.31 32.87
N SER A 228 -32.22 11.50 32.33
CA SER A 228 -31.24 12.25 31.55
C SER A 228 -30.34 13.12 32.43
N GLY A 229 -30.67 13.30 33.71
CA GLY A 229 -29.77 14.00 34.60
C GLY A 229 -28.48 13.26 34.81
N LEU A 230 -28.56 11.94 35.02
CA LEU A 230 -27.35 11.13 35.07
C LEU A 230 -26.59 11.17 33.76
N ILE A 231 -27.31 11.17 32.64
CA ILE A 231 -26.65 11.31 31.33
C ILE A 231 -25.94 12.65 31.23
N HIS A 232 -26.59 13.72 31.71
CA HIS A 232 -25.96 15.04 31.68
C HIS A 232 -24.70 15.07 32.54
N GLU A 233 -24.76 14.45 33.73
CA GLU A 233 -23.59 14.45 34.60
C GLU A 233 -22.47 13.58 34.04
N MET A 234 -22.82 12.51 33.32
CA MET A 234 -21.82 11.65 32.71
C MET A 234 -21.21 12.27 31.46
N MET A 235 -21.95 13.11 30.74
CA MET A 235 -21.44 13.73 29.52
C MET A 235 -20.36 14.76 29.78
N LYS A 236 -20.29 15.31 30.99
CA LYS A 236 -19.28 16.31 31.30
C LYS A 236 -17.87 15.73 31.31
N TYR A 237 -17.74 14.42 31.43
CA TYR A 237 -16.42 13.78 31.38
C TYR A 237 -15.91 13.60 29.96
N ASN A 238 -16.76 13.81 28.96
CA ASN A 238 -16.33 13.74 27.57
C ASN A 238 -15.61 15.02 27.18
N PRO A 239 -14.36 14.95 26.71
CA PRO A 239 -13.65 16.18 26.33
C PRO A 239 -14.25 16.91 25.15
N VAL A 240 -15.06 16.25 24.32
CA VAL A 240 -15.69 16.93 23.18
C VAL A 240 -16.72 17.93 23.67
N TYR A 241 -17.36 17.64 24.81
CA TYR A 241 -18.33 18.56 25.40
C TYR A 241 -17.70 19.93 25.65
N PHE A 242 -16.53 19.95 26.28
CA PHE A 242 -15.87 21.20 26.60
C PHE A 242 -15.50 21.97 25.34
N ILE A 243 -14.97 21.28 24.33
CA ILE A 243 -14.54 21.97 23.11
C ILE A 243 -15.74 22.57 22.38
N ALA A 244 -16.82 21.79 22.23
CA ALA A 244 -17.99 22.31 21.53
C ALA A 244 -18.62 23.49 22.27
N GLU A 245 -18.77 23.37 23.59
CA GLU A 245 -19.38 24.44 24.37
C GLU A 245 -18.51 25.70 24.35
N SER A 246 -17.18 25.53 24.43
CA SER A 246 -16.30 26.68 24.39
C SER A 246 -16.35 27.38 23.04
N TYR A 247 -16.37 26.61 21.94
CA TYR A 247 -16.50 27.22 20.62
C TYR A 247 -17.80 28.00 20.50
N ARG A 248 -18.91 27.41 20.96
CA ARG A 248 -20.20 28.11 20.89
C ARG A 248 -20.19 29.38 21.73
N ALA A 249 -19.61 29.32 22.93
CA ALA A 249 -19.53 30.51 23.77
C ALA A 249 -18.70 31.60 23.11
N ALA A 250 -17.57 31.22 22.52
CA ALA A 250 -16.71 32.21 21.88
C ALA A 250 -17.38 32.86 20.68
N ILE A 251 -18.08 32.07 19.86
CA ILE A 251 -18.59 32.58 18.59
C ILE A 251 -20.04 33.04 18.70
N LEU A 252 -20.90 32.25 19.35
CA LEU A 252 -22.34 32.51 19.32
C LEU A 252 -22.85 33.28 20.55
N TYR A 253 -22.53 32.81 21.75
CA TYR A 253 -23.24 33.25 22.95
C TYR A 253 -22.71 34.55 23.54
N HIS A 254 -21.54 35.03 23.12
CA HIS A 254 -20.93 36.25 23.65
C HIS A 254 -20.77 36.15 25.17
N GLU A 255 -19.94 35.21 25.60
CA GLU A 255 -19.77 34.93 27.02
C GLU A 255 -18.35 34.47 27.29
N TRP A 256 -17.77 34.95 28.38
CA TRP A 256 -16.46 34.48 28.83
C TRP A 256 -16.64 33.10 29.45
N TYR A 257 -16.25 32.05 28.72
CA TYR A 257 -16.56 30.69 29.13
C TYR A 257 -15.77 30.26 30.35
N PHE A 258 -14.54 30.75 30.52
CA PHE A 258 -13.66 30.25 31.56
C PHE A 258 -14.02 30.77 32.95
N MET A 259 -14.89 31.77 33.06
CA MET A 259 -15.26 32.29 34.37
C MET A 259 -16.19 31.36 35.12
N ASP A 260 -17.06 30.65 34.40
CA ASP A 260 -18.05 29.78 35.04
C ASP A 260 -17.67 28.30 35.01
N HIS A 261 -16.73 27.90 34.16
CA HIS A 261 -16.39 26.49 33.96
C HIS A 261 -14.89 26.28 33.96
N TRP A 262 -14.20 26.85 34.94
CA TRP A 262 -12.75 26.63 35.05
C TRP A 262 -12.41 25.23 35.57
N LYS A 263 -13.34 24.59 36.28
CA LYS A 263 -13.12 23.22 36.71
C LYS A 263 -12.97 22.27 35.52
N LEU A 264 -13.82 22.45 34.49
CA LEU A 264 -13.69 21.65 33.27
C LEU A 264 -12.37 21.93 32.58
N MET A 265 -11.93 23.19 32.56
CA MET A 265 -10.63 23.53 31.99
C MET A 265 -9.51 22.77 32.69
N LEU A 266 -9.50 22.80 34.03
CA LEU A 266 -8.45 22.10 34.77
C LEU A 266 -8.52 20.60 34.55
N TYR A 267 -9.72 20.03 34.54
CA TYR A 267 -9.86 18.60 34.33
C TYR A 267 -9.34 18.18 32.96
N ASN A 268 -9.67 18.95 31.93
CA ASN A 268 -9.19 18.61 30.59
C ASN A 268 -7.68 18.82 30.45
N PHE A 269 -7.13 19.84 31.10
CA PHE A 269 -5.68 20.00 31.10
C PHE A 269 -5.00 18.81 31.75
N GLY A 270 -5.54 18.33 32.87
CA GLY A 270 -4.99 17.14 33.51
C GLY A 270 -5.10 15.91 32.63
N ILE A 271 -6.22 15.76 31.93
CA ILE A 271 -6.39 14.62 31.02
C ILE A 271 -5.33 14.67 29.92
N VAL A 272 -5.12 15.84 29.33
CA VAL A 272 -4.13 15.98 28.27
C VAL A 272 -2.73 15.67 28.79
N ALA A 273 -2.38 16.18 29.98
CA ALA A 273 -1.07 15.90 30.55
C ALA A 273 -0.86 14.41 30.80
N ILE A 274 -1.88 13.74 31.35
CA ILE A 274 -1.76 12.31 31.62
C ILE A 274 -1.57 11.53 30.33
N PHE A 275 -2.36 11.85 29.29
CA PHE A 275 -2.21 11.18 28.02
C PHE A 275 -0.82 11.39 27.44
N PHE A 276 -0.32 12.62 27.48
CA PHE A 276 1.01 12.89 26.95
C PHE A 276 2.09 12.13 27.70
N ALA A 277 2.01 12.09 29.03
CA ALA A 277 3.02 11.40 29.82
C ALA A 277 3.03 9.91 29.51
N ILE A 278 1.85 9.28 29.53
CA ILE A 278 1.79 7.84 29.27
C ILE A 278 2.26 7.52 27.87
N GLY A 279 1.83 8.32 26.88
CA GLY A 279 2.24 8.07 25.52
C GLY A 279 3.74 8.21 25.32
N ALA A 280 4.34 9.27 25.89
CA ALA A 280 5.78 9.45 25.77
C ALA A 280 6.55 8.31 26.41
N TYR A 281 6.14 7.91 27.63
CA TYR A 281 6.86 6.82 28.29
C TYR A 281 6.78 5.53 27.50
N LEU A 282 5.57 5.18 27.04
CA LEU A 282 5.41 3.93 26.27
C LEU A 282 6.16 3.99 24.96
N HIS A 283 6.15 5.14 24.28
CA HIS A 283 6.86 5.26 23.02
C HIS A 283 8.36 5.12 23.21
N MET A 284 8.92 5.72 24.27
CA MET A 284 10.35 5.62 24.49
C MET A 284 10.77 4.24 24.98
N LYS A 285 9.89 3.52 25.69
CA LYS A 285 10.28 2.21 26.20
C LYS A 285 10.39 1.17 25.09
N TYR A 286 9.47 1.20 24.12
CA TYR A 286 9.38 0.17 23.09
C TYR A 286 9.90 0.65 21.74
N ARG A 287 10.59 1.79 21.69
CA ARG A 287 11.05 2.34 20.41
C ARG A 287 12.06 1.43 19.74
N ASP A 288 12.95 0.82 20.51
CA ASP A 288 14.03 0.03 19.93
C ASP A 288 13.53 -1.26 19.30
N GLN A 289 12.48 -1.87 19.88
CA GLN A 289 11.99 -3.17 19.45
C GLN A 289 10.80 -3.05 18.50
N PHE A 290 10.75 -2.00 17.68
CA PHE A 290 9.62 -1.81 16.77
C PHE A 290 9.66 -2.82 15.63
N ALA A 291 10.85 -3.10 15.09
CA ALA A 291 10.96 -3.98 13.93
C ALA A 291 10.55 -5.41 14.26
N ASP A 292 10.87 -5.90 15.45
CA ASP A 292 10.49 -7.26 15.82
C ASP A 292 8.97 -7.41 15.92
N PHE A 293 8.29 -6.41 16.47
CA PHE A 293 6.84 -6.46 16.57
C PHE A 293 6.17 -6.27 15.21
N LEU A 294 6.64 -5.32 14.42
CA LEU A 294 6.04 -5.03 13.14
C LEU A 294 6.67 -5.89 12.06
N MET B 1 45.51 7.30 7.05
CA MET B 1 45.32 6.24 8.04
C MET B 1 44.28 6.63 9.07
N ASN B 2 43.29 7.41 8.65
CA ASN B 2 42.22 7.84 9.54
C ASN B 2 41.18 6.72 9.65
N VAL B 3 40.94 6.26 10.87
CA VAL B 3 39.97 5.20 11.10
C VAL B 3 38.58 5.76 10.83
N SER B 4 37.97 5.35 9.72
CA SER B 4 36.66 5.88 9.35
C SER B 4 35.55 5.22 10.15
N VAL B 5 35.46 3.90 10.10
CA VAL B 5 34.43 3.14 10.83
C VAL B 5 35.12 2.09 11.67
N ASN B 6 34.71 1.96 12.92
CA ASN B 6 35.20 0.90 13.79
C ASN B 6 34.05 0.10 14.36
N ILE B 7 34.15 -1.22 14.26
CA ILE B 7 33.14 -2.16 14.72
C ILE B 7 33.82 -3.17 15.64
N LYS B 8 33.32 -3.31 16.86
CA LYS B 8 33.91 -4.19 17.85
C LYS B 8 32.82 -5.08 18.45
N ASN B 9 32.86 -6.37 18.09
CA ASN B 9 31.97 -7.39 18.65
C ASN B 9 30.50 -7.02 18.42
N VAL B 10 30.12 -6.92 17.16
CA VAL B 10 28.73 -6.68 16.80
C VAL B 10 28.03 -8.02 16.61
N THR B 11 26.88 -8.18 17.27
CA THR B 11 26.16 -9.45 17.28
C THR B 11 24.68 -9.15 17.20
N LYS B 12 23.97 -9.87 16.33
CA LYS B 12 22.56 -9.62 16.08
C LYS B 12 21.79 -10.94 16.12
N GLU B 13 20.72 -10.97 16.93
CA GLU B 13 19.82 -12.11 17.02
C GLU B 13 18.42 -11.71 16.57
N TYR B 14 17.70 -12.68 16.05
CA TYR B 14 16.30 -12.53 15.71
C TYR B 14 15.49 -13.65 16.36
N ARG B 15 14.33 -13.28 16.89
CA ARG B 15 13.45 -14.24 17.56
C ARG B 15 12.48 -14.83 16.55
N ILE B 16 12.44 -16.15 16.46
CA ILE B 16 11.64 -16.86 15.47
C ILE B 16 10.50 -17.56 16.19
N TYR B 17 9.27 -17.18 15.86
CA TYR B 17 8.08 -17.89 16.30
C TYR B 17 7.36 -18.42 15.08
N ARG B 18 7.08 -19.73 15.09
N ARG B 18 7.08 -19.73 15.09
CA ARG B 18 6.34 -20.34 13.98
CA ARG B 18 6.35 -20.31 13.97
C ARG B 18 4.91 -19.81 13.90
C ARG B 18 4.93 -19.77 13.90
N THR B 19 4.30 -19.54 15.04
CA THR B 19 2.96 -18.99 15.10
C THR B 19 3.00 -17.50 15.39
N ASN B 20 2.13 -16.74 14.73
CA ASN B 20 2.10 -15.30 14.92
C ASN B 20 1.62 -14.91 16.31
N LYS B 21 0.88 -15.81 16.97
CA LYS B 21 0.28 -15.49 18.26
C LYS B 21 1.25 -15.65 19.43
N GLU B 22 2.45 -16.18 19.19
CA GLU B 22 3.42 -16.37 20.26
C GLU B 22 4.23 -15.12 20.57
N ARG B 23 4.01 -14.03 19.84
CA ARG B 23 4.79 -12.81 20.06
C ARG B 23 4.52 -12.22 21.44
N MET B 24 3.26 -12.22 21.87
CA MET B 24 2.89 -11.61 23.14
C MET B 24 3.35 -12.41 24.35
N LYS B 25 3.68 -13.69 24.19
CA LYS B 25 4.04 -14.52 25.34
C LYS B 25 5.31 -14.01 26.02
N ASP B 26 6.31 -13.62 25.23
CA ASP B 26 7.60 -13.19 25.76
C ASP B 26 7.66 -11.68 26.01
N ALA B 27 6.59 -10.95 25.75
CA ALA B 27 6.59 -9.50 25.90
C ALA B 27 5.99 -9.02 27.20
N LEU B 28 5.09 -9.79 27.82
CA LEU B 28 4.43 -9.38 29.06
C LEU B 28 5.09 -9.95 30.31
N ILE B 29 5.65 -11.16 30.25
CA ILE B 29 6.39 -11.72 31.37
C ILE B 29 7.74 -12.21 30.84
N PRO B 30 8.85 -11.81 31.45
CA PRO B 30 10.17 -12.05 30.83
C PRO B 30 10.76 -13.43 31.08
N LYS B 31 9.96 -14.40 31.56
CA LYS B 31 10.52 -15.72 31.83
C LYS B 31 10.66 -16.58 30.58
N HIS B 32 10.04 -16.19 29.47
CA HIS B 32 10.04 -17.01 28.27
C HIS B 32 11.32 -16.79 27.47
N LYS B 33 11.88 -17.88 26.95
CA LYS B 33 13.06 -17.85 26.09
C LYS B 33 12.83 -18.81 24.94
N ASN B 34 12.71 -18.28 23.73
CA ASN B 34 12.36 -19.06 22.55
C ASN B 34 13.60 -19.33 21.71
N LYS B 35 13.39 -19.94 20.54
CA LYS B 35 14.47 -20.16 19.60
C LYS B 35 14.95 -18.84 19.01
N THR B 36 16.24 -18.74 18.74
CA THR B 36 16.83 -17.53 18.20
C THR B 36 17.78 -17.89 17.05
N PHE B 37 17.91 -16.93 16.13
CA PHE B 37 18.71 -17.06 14.92
C PHE B 37 19.78 -15.97 14.93
N PHE B 38 21.03 -16.37 14.79
CA PHE B 38 22.17 -15.46 14.84
C PHE B 38 22.42 -14.91 13.44
N ALA B 39 21.87 -13.73 13.16
CA ALA B 39 22.13 -13.10 11.87
C ALA B 39 23.59 -12.69 11.74
N LEU B 40 24.18 -12.19 12.82
CA LEU B 40 25.60 -11.90 12.91
C LEU B 40 26.12 -12.43 14.24
N ASP B 41 27.42 -12.70 14.29
CA ASP B 41 28.01 -13.24 15.51
C ASP B 41 29.50 -12.88 15.55
N ASP B 42 29.87 -11.97 16.44
CA ASP B 42 31.26 -11.60 16.71
C ASP B 42 31.95 -11.10 15.44
N ILE B 43 31.46 -9.98 14.94
CA ILE B 43 32.05 -9.31 13.77
C ILE B 43 32.89 -8.13 14.25
N SER B 44 34.15 -8.11 13.83
CA SER B 44 35.06 -7.01 14.16
C SER B 44 35.59 -6.42 12.87
N LEU B 45 35.44 -5.11 12.71
CA LEU B 45 35.73 -4.44 11.45
C LEU B 45 36.47 -3.15 11.71
N LYS B 46 37.41 -2.83 10.84
CA LYS B 46 38.17 -1.58 10.90
C LYS B 46 38.30 -1.05 9.49
N ALA B 47 37.55 0.00 9.18
CA ALA B 47 37.60 0.64 7.87
C ALA B 47 38.30 1.97 7.99
N TYR B 48 39.43 2.12 7.28
CA TYR B 48 40.25 3.31 7.31
C TYR B 48 39.73 4.33 6.29
N GLU B 49 40.52 5.37 6.06
CA GLU B 49 40.18 6.42 5.12
C GLU B 49 40.76 6.11 3.75
N GLY B 50 40.01 6.49 2.71
CA GLY B 50 40.42 6.20 1.34
C GLY B 50 40.43 4.73 1.02
N ASP B 51 39.40 3.99 1.43
CA ASP B 51 39.32 2.56 1.24
C ASP B 51 38.02 2.19 0.53
N VAL B 52 38.12 1.25 -0.39
CA VAL B 52 36.95 0.64 -1.03
C VAL B 52 36.90 -0.81 -0.58
N ILE B 53 35.86 -1.16 0.17
CA ILE B 53 35.74 -2.47 0.79
C ILE B 53 34.52 -3.17 0.20
N GLY B 54 34.74 -4.38 -0.31
CA GLY B 54 33.69 -5.16 -0.93
C GLY B 54 33.34 -6.36 -0.06
N LEU B 55 32.04 -6.52 0.18
CA LEU B 55 31.51 -7.64 0.95
C LEU B 55 31.13 -8.76 0.00
N VAL B 56 31.62 -9.97 0.29
CA VAL B 56 31.33 -11.14 -0.55
C VAL B 56 30.73 -12.23 0.32
N GLY B 57 29.93 -13.07 -0.32
CA GLY B 57 29.27 -14.16 0.36
C GLY B 57 28.07 -14.64 -0.41
N ILE B 58 27.63 -15.86 -0.08
CA ILE B 58 26.48 -16.47 -0.74
C ILE B 58 25.20 -15.85 -0.19
N ASN B 59 24.08 -16.15 -0.84
CA ASN B 59 22.79 -15.59 -0.43
C ASN B 59 22.47 -15.99 1.00
N GLY B 60 22.04 -15.02 1.80
CA GLY B 60 21.73 -15.24 3.20
C GLY B 60 22.92 -15.19 4.14
N SER B 61 24.05 -14.66 3.70
CA SER B 61 25.25 -14.63 4.55
C SER B 61 25.16 -13.54 5.63
N GLY B 62 24.52 -12.42 5.32
CA GLY B 62 24.39 -11.34 6.28
C GLY B 62 25.08 -10.05 5.89
N LYS B 63 25.19 -9.80 4.59
CA LYS B 63 25.80 -8.57 4.10
C LYS B 63 24.86 -7.36 4.21
N SER B 64 23.58 -7.55 3.90
CA SER B 64 22.63 -6.45 4.03
C SER B 64 22.43 -6.05 5.48
N THR B 65 22.42 -7.01 6.40
CA THR B 65 22.30 -6.68 7.82
C THR B 65 23.49 -5.86 8.30
N LEU B 66 24.70 -6.24 7.89
CA LEU B 66 25.88 -5.48 8.26
C LEU B 66 25.85 -4.08 7.65
N SER B 67 25.44 -3.97 6.39
CA SER B 67 25.33 -2.66 5.76
C SER B 67 24.32 -1.77 6.46
N ASN B 68 23.18 -2.32 6.87
CA ASN B 68 22.18 -1.54 7.60
C ASN B 68 22.68 -1.15 8.99
N ILE B 69 23.41 -2.04 9.66
CA ILE B 69 23.99 -1.70 10.96
C ILE B 69 24.98 -0.55 10.82
N ILE B 70 25.82 -0.59 9.77
CA ILE B 70 26.73 0.52 9.51
C ILE B 70 25.94 1.80 9.23
N GLY B 71 24.89 1.68 8.42
CA GLY B 71 24.09 2.86 8.10
C GLY B 71 23.37 3.46 9.29
N GLY B 72 22.89 2.62 10.20
CA GLY B 72 22.19 3.08 11.38
C GLY B 72 20.73 2.72 11.46
N SER B 73 20.16 2.13 10.41
CA SER B 73 18.76 1.71 10.44
C SER B 73 18.53 0.52 11.36
N LEU B 74 19.59 -0.13 11.82
CA LEU B 74 19.50 -1.26 12.74
C LEU B 74 20.38 -1.02 13.95
N SER B 75 20.01 -1.63 15.06
CA SER B 75 20.76 -1.52 16.30
C SER B 75 21.27 -2.89 16.72
N PRO B 76 22.58 -3.04 16.92
CA PRO B 76 23.12 -4.35 17.31
C PRO B 76 22.60 -4.79 18.67
N THR B 77 22.42 -6.10 18.80
CA THR B 77 22.01 -6.67 20.09
C THR B 77 23.12 -6.50 21.12
N VAL B 78 24.35 -6.89 20.76
CA VAL B 78 25.52 -6.73 21.61
C VAL B 78 26.61 -6.06 20.79
N GLY B 79 27.22 -5.03 21.36
CA GLY B 79 28.36 -4.37 20.74
C GLY B 79 28.02 -2.97 20.27
N LYS B 80 29.07 -2.28 19.83
CA LYS B 80 28.96 -0.88 19.40
C LYS B 80 29.78 -0.68 18.14
N VAL B 81 29.37 0.33 17.36
CA VAL B 81 30.06 0.74 16.14
C VAL B 81 30.11 2.26 16.11
N ASP B 82 31.29 2.80 15.84
CA ASP B 82 31.45 4.25 15.75
C ASP B 82 31.89 4.67 14.36
N ARG B 83 31.32 5.79 13.89
CA ARG B 83 31.56 6.33 12.56
C ARG B 83 32.05 7.75 12.69
N ASN B 84 33.09 8.10 11.95
CA ASN B 84 33.60 9.47 11.92
C ASN B 84 33.06 10.22 10.70
N GLY B 85 31.76 10.45 10.71
CA GLY B 85 31.13 11.21 9.65
C GLY B 85 29.68 10.83 9.47
N GLU B 86 29.13 11.25 8.34
CA GLU B 86 27.75 10.99 7.97
C GLU B 86 27.72 9.93 6.86
N VAL B 87 26.83 8.95 7.02
CA VAL B 87 26.75 7.82 6.10
C VAL B 87 25.47 7.92 5.29
N SER B 88 25.51 7.34 4.09
CA SER B 88 24.34 7.25 3.24
C SER B 88 24.36 5.91 2.52
N VAL B 89 23.19 5.28 2.42
CA VAL B 89 23.05 3.92 1.91
C VAL B 89 22.12 3.93 0.70
N ILE B 90 22.54 3.28 -0.37
CA ILE B 90 21.71 3.06 -1.56
C ILE B 90 21.49 1.56 -1.69
N ALA B 91 20.25 1.15 -1.97
CA ALA B 91 19.88 -0.25 -2.01
C ALA B 91 19.26 -0.57 -3.37
N ILE B 92 18.82 -1.83 -3.51
CA ILE B 92 18.22 -2.29 -4.75
C ILE B 92 16.90 -1.59 -5.06
N SER B 93 16.20 -1.08 -4.03
CA SER B 93 14.95 -0.35 -4.23
C SER B 93 14.97 0.82 -3.24
N ALA B 94 15.44 1.97 -3.70
CA ALA B 94 15.57 3.14 -2.85
C ALA B 94 14.19 3.76 -2.59
N GLY B 95 14.19 4.89 -1.88
CA GLY B 95 12.95 5.56 -1.57
C GLY B 95 12.49 6.48 -2.66
N LEU B 96 11.54 6.02 -3.48
CA LEU B 96 10.99 6.81 -4.57
C LEU B 96 9.52 6.47 -4.70
N SER B 97 8.67 7.48 -4.53
CA SER B 97 7.23 7.27 -4.65
C SER B 97 6.83 7.11 -6.11
N GLY B 98 6.06 6.07 -6.41
CA GLY B 98 5.64 5.82 -7.77
C GLY B 98 4.69 6.88 -8.30
N GLN B 99 3.78 7.37 -7.46
CA GLN B 99 2.83 8.38 -7.90
C GLN B 99 3.49 9.72 -8.15
N LEU B 100 4.49 10.07 -7.35
CA LEU B 100 5.17 11.35 -7.49
C LEU B 100 6.05 11.36 -8.75
N THR B 101 6.34 12.57 -9.22
CA THR B 101 7.22 12.74 -10.36
C THR B 101 8.67 12.87 -9.85
N GLY B 102 9.61 13.12 -10.77
CA GLY B 102 11.00 13.21 -10.38
C GLY B 102 11.29 14.41 -9.50
N ILE B 103 10.74 15.57 -9.84
CA ILE B 103 11.02 16.79 -9.09
C ILE B 103 10.41 16.71 -7.70
N GLU B 104 9.18 16.21 -7.59
CA GLU B 104 8.56 16.05 -6.27
C GLU B 104 9.35 15.07 -5.42
N ASN B 105 9.82 13.97 -6.02
CA ASN B 105 10.65 13.03 -5.27
C ASN B 105 11.93 13.68 -4.80
N ILE B 106 12.57 14.47 -5.66
CA ILE B 106 13.82 15.13 -5.28
C ILE B 106 13.58 16.06 -4.10
N GLU B 107 12.53 16.89 -4.18
CA GLU B 107 12.29 17.85 -3.10
C GLU B 107 11.89 17.14 -1.81
N PHE B 108 11.12 16.05 -1.90
CA PHE B 108 10.82 15.25 -0.72
C PHE B 108 12.09 14.73 -0.07
N LYS B 109 12.97 14.11 -0.85
CA LYS B 109 14.18 13.52 -0.30
C LYS B 109 15.08 14.57 0.32
N MET B 110 15.27 15.70 -0.34
CA MET B 110 16.12 16.73 0.23
C MET B 110 15.46 17.51 1.36
N LEU B 111 14.13 17.46 1.49
CA LEU B 111 13.48 17.99 2.67
C LEU B 111 13.62 17.07 3.87
N CYS B 112 13.58 15.76 3.65
CA CYS B 112 13.77 14.82 4.76
C CYS B 112 15.18 14.92 5.34
N MET B 113 16.18 15.22 4.50
CA MET B 113 17.55 15.35 5.00
C MET B 113 17.81 16.70 5.66
N GLY B 114 16.94 17.68 5.49
CA GLY B 114 17.10 18.95 6.16
C GLY B 114 17.80 20.03 5.35
N PHE B 115 17.32 20.27 4.14
CA PHE B 115 17.83 21.33 3.28
C PHE B 115 16.73 22.37 3.06
N LYS B 116 17.12 23.64 3.06
CA LYS B 116 16.17 24.72 2.79
C LYS B 116 15.78 24.72 1.32
N ARG B 117 14.65 25.37 1.03
CA ARG B 117 14.09 25.33 -0.32
C ARG B 117 15.02 25.97 -1.35
N LYS B 118 15.67 27.08 -0.99
CA LYS B 118 16.61 27.71 -1.92
C LYS B 118 17.78 26.78 -2.23
N GLU B 119 18.30 26.08 -1.22
CA GLU B 119 19.36 25.10 -1.47
C GLU B 119 18.87 23.98 -2.37
N ILE B 120 17.63 23.53 -2.18
CA ILE B 120 17.07 22.49 -3.03
C ILE B 120 17.00 22.96 -4.48
N LYS B 121 16.52 24.19 -4.70
CA LYS B 121 16.41 24.71 -6.06
C LYS B 121 17.79 24.94 -6.68
N ALA B 122 18.78 25.29 -5.86
CA ALA B 122 20.14 25.47 -6.37
C ALA B 122 20.78 24.14 -6.74
N MET B 123 20.52 23.10 -5.96
CA MET B 123 21.12 21.78 -6.18
C MET B 123 20.36 20.94 -7.21
N THR B 124 19.13 21.31 -7.55
CA THR B 124 18.37 20.53 -8.53
C THR B 124 19.05 20.42 -9.89
N PRO B 125 19.59 21.50 -10.50
CA PRO B 125 20.16 21.35 -11.84
C PRO B 125 21.31 20.35 -11.91
N LYS B 126 22.13 20.23 -10.87
CA LYS B 126 23.20 19.24 -10.87
C LYS B 126 22.62 17.83 -10.93
N ILE B 127 21.57 17.56 -10.16
CA ILE B 127 20.89 16.27 -10.22
C ILE B 127 20.31 16.02 -11.60
N ILE B 128 19.70 17.05 -12.19
CA ILE B 128 19.12 16.92 -13.52
C ILE B 128 20.18 16.56 -14.54
N GLU B 129 21.33 17.23 -14.48
CA GLU B 129 22.40 16.97 -15.43
C GLU B 129 23.01 15.59 -15.23
N PHE B 130 23.16 15.15 -13.97
CA PHE B 130 23.77 13.86 -13.71
C PHE B 130 22.83 12.69 -14.04
N SER B 131 21.53 12.89 -13.92
CA SER B 131 20.60 11.79 -14.13
C SER B 131 20.43 11.43 -15.59
N GLU B 132 20.63 12.39 -16.50
CA GLU B 132 20.37 12.20 -17.93
C GLU B 132 18.95 11.72 -18.17
N LEU B 133 18.00 12.28 -17.42
CA LEU B 133 16.61 11.89 -17.52
C LEU B 133 15.85 12.66 -18.60
N GLY B 134 16.20 13.92 -18.84
CA GLY B 134 15.54 14.69 -19.88
C GLY B 134 14.08 14.94 -19.54
N GLU B 135 13.23 14.90 -20.58
CA GLU B 135 11.82 15.22 -20.42
C GLU B 135 11.17 14.38 -19.33
N PHE B 136 11.66 13.14 -19.17
CA PHE B 136 10.99 12.21 -18.26
C PHE B 136 11.15 12.63 -16.80
N ILE B 137 11.99 13.64 -16.52
CA ILE B 137 12.06 14.13 -15.14
C ILE B 137 10.73 14.75 -14.74
N TYR B 138 9.93 15.19 -15.72
CA TYR B 138 8.65 15.80 -15.41
C TYR B 138 7.54 14.76 -15.35
N GLN B 139 7.77 13.59 -15.95
CA GLN B 139 6.80 12.51 -15.91
C GLN B 139 6.81 11.81 -14.55
N PRO B 140 5.74 11.09 -14.22
CA PRO B 140 5.72 10.36 -12.94
C PRO B 140 6.77 9.26 -12.89
N VAL B 141 7.20 8.94 -11.67
CA VAL B 141 8.27 7.98 -11.48
C VAL B 141 7.82 6.58 -11.92
N LYS B 142 6.53 6.28 -11.79
CA LYS B 142 6.04 4.95 -12.17
C LYS B 142 6.22 4.69 -13.66
N LYS B 143 6.39 5.75 -14.46
CA LYS B 143 6.64 5.56 -15.89
C LYS B 143 8.09 5.20 -16.15
N TYR B 144 8.95 5.35 -15.15
CA TYR B 144 10.38 5.11 -15.35
C TYR B 144 10.67 3.62 -15.49
N SER B 145 11.80 3.31 -16.13
CA SER B 145 12.34 1.97 -16.09
C SER B 145 13.22 1.80 -14.84
N SER B 146 13.64 0.57 -14.61
CA SER B 146 14.45 0.28 -13.41
C SER B 146 15.78 1.03 -13.44
N GLY B 147 16.44 1.04 -14.60
CA GLY B 147 17.71 1.77 -14.70
C GLY B 147 17.55 3.26 -14.49
N MET B 148 16.46 3.84 -14.99
CA MET B 148 16.21 5.26 -14.80
C MET B 148 15.99 5.59 -13.33
N ARG B 149 15.24 4.74 -12.62
CA ARG B 149 15.03 4.94 -11.19
C ARG B 149 16.35 4.83 -10.43
N ALA B 150 17.17 3.84 -10.78
CA ALA B 150 18.48 3.69 -10.14
C ALA B 150 19.35 4.92 -10.39
N LYS B 151 19.34 5.43 -11.61
CA LYS B 151 20.12 6.63 -11.92
C LYS B 151 19.65 7.82 -11.10
N LEU B 152 18.33 8.01 -10.99
CA LEU B 152 17.80 9.13 -10.23
C LEU B 152 18.20 9.03 -8.76
N GLY B 153 18.02 7.86 -8.16
CA GLY B 153 18.39 7.69 -6.76
C GLY B 153 19.88 7.88 -6.53
N PHE B 154 20.71 7.31 -7.40
CA PHE B 154 22.16 7.44 -7.26
C PHE B 154 22.59 8.89 -7.38
N SER B 155 22.02 9.63 -8.33
CA SER B 155 22.37 11.04 -8.49
C SER B 155 21.93 11.85 -7.27
N ILE B 156 20.74 11.55 -6.73
CA ILE B 156 20.28 12.26 -5.54
C ILE B 156 21.22 12.03 -4.37
N ASN B 157 21.65 10.77 -4.18
CA ASN B 157 22.54 10.46 -3.07
C ASN B 157 23.94 11.04 -3.29
N ILE B 158 24.41 11.05 -4.53
CA ILE B 158 25.77 11.50 -4.82
C ILE B 158 25.88 13.02 -4.71
N THR B 159 24.82 13.74 -5.11
CA THR B 159 24.90 15.20 -5.14
C THR B 159 25.18 15.77 -3.76
N VAL B 160 24.49 15.28 -2.74
CA VAL B 160 24.90 15.60 -1.37
C VAL B 160 26.18 14.85 -1.05
N ASN B 161 27.00 15.43 -0.17
CA ASN B 161 28.33 14.89 0.06
C ASN B 161 28.35 14.09 1.36
N PRO B 162 28.38 12.75 1.29
CA PRO B 162 28.48 11.95 2.52
C PRO B 162 29.91 11.58 2.85
N ASP B 163 30.22 11.46 4.14
CA ASP B 163 31.54 10.99 4.53
C ASP B 163 31.71 9.51 4.21
N ILE B 164 30.66 8.71 4.40
CA ILE B 164 30.67 7.28 4.11
C ILE B 164 29.52 6.96 3.17
N LEU B 165 29.81 6.26 2.09
CA LEU B 165 28.82 5.86 1.11
C LEU B 165 28.77 4.35 1.02
N VAL B 166 27.55 3.79 1.08
CA VAL B 166 27.34 2.35 0.99
C VAL B 166 26.46 2.07 -0.21
N ILE B 167 26.90 1.18 -1.09
CA ILE B 167 26.14 0.73 -2.24
C ILE B 167 25.86 -0.75 -2.05
N ASP B 168 24.57 -1.12 -2.08
CA ASP B 168 24.14 -2.49 -1.83
C ASP B 168 23.43 -3.00 -3.08
N GLU B 169 24.21 -3.51 -4.04
CA GLU B 169 23.72 -4.09 -5.29
C GLU B 169 22.90 -3.10 -6.11
N ALA B 170 23.07 -1.80 -5.91
CA ALA B 170 22.26 -0.82 -6.62
C ALA B 170 22.63 -0.74 -8.10
N LEU B 171 23.88 -1.07 -8.43
CA LEU B 171 24.37 -0.93 -9.80
C LEU B 171 24.04 -2.13 -10.67
N SER B 172 23.35 -3.14 -10.15
CA SER B 172 23.06 -4.33 -10.94
C SER B 172 22.15 -4.02 -12.11
N VAL B 173 21.20 -3.10 -11.93
CA VAL B 173 20.26 -2.78 -13.00
C VAL B 173 20.88 -1.80 -13.99
N GLY B 174 21.83 -0.98 -13.53
CA GLY B 174 22.44 0.00 -14.41
C GLY B 174 23.31 -0.67 -15.46
N ASP B 175 23.46 0.00 -16.60
CA ASP B 175 24.25 -0.54 -17.70
C ASP B 175 25.72 -0.19 -17.54
N GLN B 176 26.49 -0.44 -18.60
CA GLN B 176 27.94 -0.34 -18.51
C GLN B 176 28.42 1.11 -18.49
N THR B 177 27.78 1.98 -19.28
CA THR B 177 28.17 3.39 -19.29
C THR B 177 27.93 4.04 -17.93
N PHE B 178 26.78 3.75 -17.32
CA PHE B 178 26.52 4.25 -15.98
C PHE B 178 27.53 3.70 -14.99
N ALA B 179 27.93 2.43 -15.16
CA ALA B 179 28.95 1.86 -14.29
C ALA B 179 30.28 2.59 -14.43
N GLN B 180 30.66 2.95 -15.66
CA GLN B 180 31.90 3.69 -15.86
C GLN B 180 31.83 5.07 -15.23
N LYS B 181 30.69 5.75 -15.36
CA LYS B 181 30.53 7.05 -14.73
C LYS B 181 30.61 6.94 -13.21
N CYS B 182 29.98 5.91 -12.63
CA CYS B 182 30.07 5.69 -11.19
C CYS B 182 31.51 5.37 -10.79
N LEU B 183 32.25 4.66 -11.63
CA LEU B 183 33.66 4.38 -11.33
C LEU B 183 34.47 5.66 -11.29
N ASP B 184 34.24 6.58 -12.23
CA ASP B 184 34.93 7.86 -12.18
C ASP B 184 34.55 8.64 -10.92
N LYS B 185 33.27 8.63 -10.56
CA LYS B 185 32.85 9.31 -9.34
C LYS B 185 33.50 8.70 -8.11
N ILE B 186 33.67 7.37 -8.10
CA ILE B 186 34.31 6.70 -6.97
C ILE B 186 35.78 7.07 -6.89
N TYR B 187 36.45 7.19 -8.04
CA TYR B 187 37.83 7.67 -8.02
C TYR B 187 37.92 9.08 -7.45
N GLU B 188 37.01 9.96 -7.84
CA GLU B 188 37.01 11.31 -7.29
C GLU B 188 36.76 11.30 -5.78
N PHE B 189 35.84 10.45 -5.32
CA PHE B 189 35.55 10.37 -3.90
C PHE B 189 36.74 9.80 -3.12
N LYS B 190 37.46 8.86 -3.73
CA LYS B 190 38.70 8.37 -3.12
C LYS B 190 39.71 9.50 -2.99
N GLU B 191 39.81 10.34 -4.01
CA GLU B 191 40.66 11.53 -3.90
C GLU B 191 40.18 12.46 -2.79
N GLN B 192 38.87 12.51 -2.55
CA GLN B 192 38.35 13.32 -1.46
C GLN B 192 38.41 12.61 -0.12
N ASN B 193 39.02 11.42 -0.06
CA ASN B 193 39.20 10.67 1.19
C ASN B 193 37.89 10.22 1.82
N LYS B 194 36.88 9.94 0.99
CA LYS B 194 35.66 9.31 1.50
C LYS B 194 35.85 7.80 1.58
N THR B 195 34.97 7.14 2.34
CA THR B 195 35.00 5.70 2.50
C THR B 195 33.77 5.10 1.81
N ILE B 196 34.01 4.15 0.92
CA ILE B 196 32.96 3.55 0.09
C ILE B 196 32.91 2.05 0.35
N PHE B 197 31.71 1.55 0.61
CA PHE B 197 31.44 0.11 0.71
C PHE B 197 30.63 -0.30 -0.51
N PHE B 198 31.04 -1.40 -1.15
CA PHE B 198 30.42 -1.84 -2.40
C PHE B 198 30.04 -3.31 -2.26
N VAL B 199 28.76 -3.61 -2.53
CA VAL B 199 28.25 -4.97 -2.49
C VAL B 199 27.66 -5.30 -3.86
N SER B 200 28.10 -6.40 -4.45
CA SER B 200 27.57 -6.84 -5.74
C SER B 200 27.86 -8.32 -5.92
N HIS B 201 27.04 -8.96 -6.75
CA HIS B 201 27.24 -10.36 -7.12
C HIS B 201 27.94 -10.51 -8.47
N ASN B 202 28.36 -9.40 -9.06
CA ASN B 202 29.16 -9.41 -10.29
C ASN B 202 30.62 -9.29 -9.88
N LEU B 203 31.38 -10.37 -10.05
CA LEU B 203 32.75 -10.41 -9.57
C LEU B 203 33.70 -9.54 -10.38
N GLY B 204 33.43 -9.33 -11.66
CA GLY B 204 34.24 -8.39 -12.43
C GLY B 204 34.08 -6.96 -11.96
N GLN B 205 32.85 -6.56 -11.66
CA GLN B 205 32.62 -5.23 -11.10
C GLN B 205 33.29 -5.08 -9.74
N VAL B 206 33.25 -6.12 -8.91
CA VAL B 206 33.95 -6.09 -7.64
C VAL B 206 35.46 -5.95 -7.84
N ARG B 207 36.00 -6.69 -8.80
CA ARG B 207 37.43 -6.60 -9.08
C ARG B 207 37.84 -5.21 -9.54
N GLN B 208 37.05 -4.60 -10.42
CA GLN B 208 37.40 -3.29 -10.95
C GLN B 208 36.94 -2.14 -10.07
N PHE B 209 36.21 -2.41 -8.98
CA PHE B 209 35.74 -1.37 -8.08
C PHE B 209 36.47 -1.36 -6.74
N CYS B 210 36.63 -2.53 -6.12
CA CYS B 210 37.08 -2.61 -4.74
C CYS B 210 38.60 -2.76 -4.64
N THR B 211 39.10 -2.48 -3.43
CA THR B 211 40.51 -2.66 -3.11
C THR B 211 40.76 -3.56 -1.91
N LYS B 212 39.77 -3.75 -1.04
CA LYS B 212 39.86 -4.68 0.07
C LYS B 212 38.59 -5.53 0.09
N ILE B 213 38.70 -6.74 0.63
CA ILE B 213 37.61 -7.71 0.58
C ILE B 213 37.34 -8.26 1.98
N ALA B 214 36.05 -8.31 2.32
CA ALA B 214 35.57 -8.96 3.53
C ALA B 214 34.62 -10.09 3.12
N TRP B 215 34.92 -11.30 3.58
CA TRP B 215 34.17 -12.50 3.22
C TRP B 215 33.33 -12.93 4.42
N ILE B 216 32.02 -13.04 4.21
CA ILE B 216 31.07 -13.38 5.27
C ILE B 216 30.41 -14.70 4.90
N GLU B 217 30.48 -15.66 5.82
CA GLU B 217 29.92 -17.00 5.62
C GLU B 217 29.11 -17.38 6.86
N GLY B 218 27.80 -17.42 6.72
CA GLY B 218 26.93 -17.80 7.82
C GLY B 218 26.97 -16.85 9.01
N GLY B 219 27.07 -15.56 8.74
CA GLY B 219 27.08 -14.57 9.79
C GLY B 219 28.42 -14.36 10.47
N LYS B 220 29.46 -15.08 10.05
CA LYS B 220 30.79 -14.96 10.65
C LYS B 220 31.79 -14.55 9.58
N LEU B 221 32.69 -13.63 9.95
CA LEU B 221 33.70 -13.14 9.03
C LEU B 221 34.76 -14.22 8.81
N LYS B 222 34.71 -14.88 7.66
CA LYS B 222 35.70 -15.91 7.33
C LYS B 222 37.08 -15.30 7.14
N ASP B 223 37.17 -14.21 6.38
CA ASP B 223 38.46 -13.60 6.06
C ASP B 223 38.28 -12.15 5.66
N TYR B 224 39.17 -11.29 6.16
CA TYR B 224 39.28 -9.89 5.76
C TYR B 224 40.71 -9.68 5.30
N GLY B 225 40.88 -9.07 4.13
CA GLY B 225 42.21 -8.75 3.67
C GLY B 225 42.17 -7.99 2.36
N GLU B 226 43.29 -8.04 1.66
CA GLU B 226 43.41 -7.37 0.38
C GLU B 226 42.58 -8.11 -0.68
N LEU B 227 42.31 -7.41 -1.78
CA LEU B 227 41.58 -8.03 -2.89
C LEU B 227 42.30 -9.27 -3.41
N ASP B 228 43.60 -9.15 -3.70
CA ASP B 228 44.33 -10.21 -4.40
C ASP B 228 44.48 -11.44 -3.52
N ASP B 229 44.29 -11.30 -2.21
CA ASP B 229 44.40 -12.45 -1.32
C ASP B 229 43.06 -13.11 -1.08
N VAL B 230 42.06 -12.32 -0.69
CA VAL B 230 40.78 -12.89 -0.29
C VAL B 230 39.98 -13.37 -1.50
N LEU B 231 39.99 -12.61 -2.59
CA LEU B 231 39.15 -12.98 -3.73
C LEU B 231 39.47 -14.35 -4.32
N PRO B 232 40.74 -14.73 -4.54
CA PRO B 232 40.99 -16.10 -5.06
C PRO B 232 40.48 -17.20 -4.16
N LYS B 233 40.53 -17.03 -2.84
CA LYS B 233 39.98 -18.05 -1.94
C LYS B 233 38.47 -18.19 -2.13
N TYR B 234 37.76 -17.08 -2.26
CA TYR B 234 36.32 -17.15 -2.49
C TYR B 234 36.01 -17.82 -3.83
N GLU B 235 36.76 -17.50 -4.87
CA GLU B 235 36.53 -18.14 -6.15
C GLU B 235 36.82 -19.64 -6.09
N ALA B 236 37.90 -20.02 -5.40
CA ALA B 236 38.21 -21.44 -5.25
C ALA B 236 37.12 -22.16 -4.48
N PHE B 237 36.57 -21.52 -3.44
CA PHE B 237 35.47 -22.11 -2.70
C PHE B 237 34.24 -22.29 -3.59
N LEU B 238 33.96 -21.31 -4.44
CA LEU B 238 32.82 -21.44 -5.35
C LEU B 238 33.01 -22.60 -6.32
N ASN B 239 34.21 -22.73 -6.90
CA ASN B 239 34.47 -23.85 -7.80
C ASN B 239 34.38 -25.19 -7.07
N ASP B 240 34.90 -25.26 -5.84
CA ASP B 240 34.81 -26.49 -5.07
C ASP B 240 33.36 -26.86 -4.77
N PHE B 241 32.53 -25.85 -4.45
CA PHE B 241 31.12 -26.11 -4.23
C PHE B 241 30.44 -26.59 -5.50
N LYS B 242 30.84 -26.04 -6.65
CA LYS B 242 30.33 -26.54 -7.92
C LYS B 242 30.72 -28.00 -8.14
N LYS B 243 31.91 -28.38 -7.69
CA LYS B 243 32.36 -29.76 -7.84
C LYS B 243 31.52 -30.71 -7.01
N LYS B 244 31.09 -30.30 -5.83
CA LYS B 244 30.43 -31.20 -4.89
C LYS B 244 29.09 -31.68 -5.43
N SER B 245 28.69 -32.87 -5.00
CA SER B 245 27.40 -33.44 -5.39
C SER B 245 26.27 -32.79 -4.61
N LYS B 246 25.04 -33.11 -5.02
CA LYS B 246 23.86 -32.48 -4.42
C LYS B 246 23.73 -32.83 -2.94
N ALA B 247 24.00 -34.09 -2.58
CA ALA B 247 23.90 -34.50 -1.18
C ALA B 247 24.91 -33.74 -0.32
N GLU B 248 26.13 -33.57 -0.81
CA GLU B 248 27.14 -32.84 -0.04
C GLU B 248 26.75 -31.37 0.13
N GLN B 249 26.20 -30.76 -0.92
CA GLN B 249 25.73 -29.38 -0.80
C GLN B 249 24.61 -29.26 0.23
N LYS B 250 23.67 -30.22 0.20
CA LYS B 250 22.59 -30.21 1.18
C LYS B 250 23.13 -30.38 2.60
N GLU B 251 24.12 -31.26 2.78
CA GLU B 251 24.71 -31.46 4.10
C GLU B 251 25.42 -30.21 4.58
N PHE B 252 26.14 -29.52 3.69
CA PHE B 252 26.83 -28.29 4.06
C PHE B 252 25.83 -27.22 4.48
N ARG B 253 24.76 -27.05 3.71
CA ARG B 253 23.73 -26.07 4.07
C ARG B 253 23.07 -26.44 5.40
N ASN B 254 22.81 -27.72 5.62
CA ASN B 254 22.19 -28.16 6.87
C ASN B 254 23.12 -27.90 8.06
N LYS B 255 24.43 -28.10 7.87
CA LYS B 255 25.37 -27.81 8.94
C LYS B 255 25.38 -26.32 9.28
N LEU B 256 25.37 -25.46 8.26
CA LEU B 256 25.30 -24.03 8.51
C LEU B 256 24.02 -23.66 9.25
N ASP B 257 22.88 -24.24 8.82
CA ASP B 257 21.61 -23.94 9.48
C ASP B 257 21.60 -24.42 10.92
N GLU B 258 22.19 -25.59 11.17
CA GLU B 258 22.31 -26.08 12.55
C GLU B 258 23.15 -25.13 13.39
N SER B 259 24.24 -24.63 12.83
CA SER B 259 25.09 -23.69 13.58
C SER B 259 24.36 -22.40 13.89
N ARG B 260 23.53 -21.92 12.95
CA ARG B 260 22.95 -20.59 13.11
C ARG B 260 21.81 -20.55 14.13
N PHE B 261 21.00 -21.60 14.19
CA PHE B 261 19.83 -21.65 15.07
C PHE B 261 20.24 -22.18 16.43
N VAL B 262 19.67 -21.62 17.50
CA VAL B 262 19.91 -22.14 18.84
C VAL B 262 18.73 -21.78 19.74
N ILE B 263 18.42 -22.66 20.69
CA ILE B 263 17.31 -22.47 21.62
C ILE B 263 17.89 -21.90 22.91
N LYS B 264 17.74 -20.59 23.09
CA LYS B 264 18.21 -19.91 24.29
C LYS B 264 17.58 -18.53 24.42
N MET C 1 12.67 -26.74 -36.03
CA MET C 1 12.38 -25.53 -36.79
C MET C 1 10.93 -25.09 -36.58
N ASN C 2 10.39 -25.36 -35.40
CA ASN C 2 9.03 -24.97 -35.07
C ASN C 2 9.00 -23.50 -34.66
N VAL C 3 8.23 -22.70 -35.37
CA VAL C 3 8.12 -21.28 -35.07
C VAL C 3 7.39 -21.13 -33.74
N SER C 4 8.12 -20.75 -32.69
CA SER C 4 7.52 -20.65 -31.36
C SER C 4 6.73 -19.36 -31.21
N VAL C 5 7.38 -18.22 -31.45
CA VAL C 5 6.73 -16.91 -31.34
C VAL C 5 6.96 -16.15 -32.63
N ASN C 6 5.91 -15.54 -33.16
CA ASN C 6 6.03 -14.68 -34.33
C ASN C 6 5.45 -13.31 -34.05
N ILE C 7 6.22 -12.28 -34.38
CA ILE C 7 5.88 -10.88 -34.16
C ILE C 7 6.02 -10.16 -35.49
N LYS C 8 4.95 -9.49 -35.93
CA LYS C 8 4.94 -8.80 -37.21
C LYS C 8 4.43 -7.38 -37.01
N ASN C 9 5.34 -6.41 -37.13
CA ASN C 9 5.02 -4.98 -37.09
C ASN C 9 4.31 -4.64 -35.77
N VAL C 10 5.01 -4.83 -34.66
CA VAL C 10 4.49 -4.43 -33.36
C VAL C 10 4.96 -3.01 -33.05
N THR C 11 4.02 -2.16 -32.68
CA THR C 11 4.29 -0.74 -32.47
C THR C 11 3.51 -0.27 -31.25
N LYS C 12 4.17 0.46 -30.36
CA LYS C 12 3.56 0.89 -29.11
C LYS C 12 3.81 2.37 -28.88
N GLU C 13 2.74 3.12 -28.63
CA GLU C 13 2.81 4.54 -28.31
C GLU C 13 2.29 4.78 -26.90
N TYR C 14 2.81 5.83 -26.28
CA TYR C 14 2.32 6.30 -24.98
C TYR C 14 2.02 7.79 -25.09
N ARG C 15 0.90 8.20 -24.49
CA ARG C 15 0.47 9.58 -24.51
C ARG C 15 1.03 10.30 -23.29
N ILE C 16 1.73 11.41 -23.53
CA ILE C 16 2.43 12.14 -22.49
C ILE C 16 1.71 13.47 -22.28
N TYR C 17 1.18 13.68 -21.08
CA TYR C 17 0.64 14.96 -20.66
C TYR C 17 1.48 15.47 -19.49
N ARG C 18 1.97 16.70 -19.60
N ARG C 18 1.98 16.70 -19.61
CA ARG C 18 2.74 17.30 -18.52
CA ARG C 18 2.73 17.28 -18.51
C ARG C 18 1.87 17.54 -17.29
C ARG C 18 1.86 17.50 -17.28
N THR C 19 0.61 17.90 -17.50
CA THR C 19 -0.34 18.11 -16.41
C THR C 19 -1.26 16.91 -16.28
N ASN C 20 -1.56 16.55 -15.02
CA ASN C 20 -2.42 15.40 -14.76
C ASN C 20 -3.86 15.66 -15.20
N LYS C 21 -4.25 16.93 -15.30
CA LYS C 21 -5.64 17.28 -15.61
C LYS C 21 -5.96 17.22 -17.09
N GLU C 22 -4.97 17.00 -17.95
CA GLU C 22 -5.20 16.96 -19.39
C GLU C 22 -5.64 15.59 -19.88
N ARG C 23 -5.75 14.60 -18.98
CA ARG C 23 -6.14 13.26 -19.39
C ARG C 23 -7.57 13.23 -19.93
N MET C 24 -8.49 13.96 -19.28
CA MET C 24 -9.89 13.94 -19.66
C MET C 24 -10.17 14.68 -20.96
N LYS C 25 -9.26 15.54 -21.42
CA LYS C 25 -9.53 16.34 -22.62
C LYS C 25 -9.68 15.47 -23.85
N ASP C 26 -8.83 14.45 -23.99
CA ASP C 26 -8.83 13.58 -25.16
C ASP C 26 -9.72 12.36 -25.00
N ALA C 27 -10.39 12.21 -23.86
CA ALA C 27 -11.20 11.03 -23.61
C ALA C 27 -12.69 11.24 -23.87
N LEU C 28 -13.18 12.49 -23.80
CA LEU C 28 -14.59 12.76 -24.01
C LEU C 28 -14.93 13.23 -25.41
N ILE C 29 -14.02 13.94 -26.08
CA ILE C 29 -14.21 14.33 -27.48
C ILE C 29 -12.96 13.95 -28.25
N PRO C 30 -13.07 13.20 -29.36
CA PRO C 30 -11.88 12.62 -29.99
C PRO C 30 -11.11 13.54 -30.92
N LYS C 31 -11.36 14.86 -30.87
CA LYS C 31 -10.65 15.76 -31.77
C LYS C 31 -9.24 16.10 -31.29
N HIS C 32 -8.91 15.80 -30.03
CA HIS C 32 -7.63 16.18 -29.48
C HIS C 32 -6.55 15.19 -29.85
N LYS C 33 -5.37 15.70 -30.20
CA LYS C 33 -4.21 14.88 -30.53
C LYS C 33 -3.00 15.52 -29.86
N ASN C 34 -2.43 14.84 -28.86
CA ASN C 34 -1.35 15.37 -28.06
C ASN C 34 0.00 14.77 -28.50
N LYS C 35 1.05 15.10 -27.75
CA LYS C 35 2.36 14.52 -28.00
C LYS C 35 2.36 13.05 -27.64
N THR C 36 3.12 12.26 -28.40
CA THR C 36 3.21 10.83 -28.20
C THR C 36 4.67 10.39 -28.23
N PHE C 37 4.92 9.29 -27.52
CA PHE C 37 6.25 8.71 -27.37
C PHE C 37 6.21 7.28 -27.90
N PHE C 38 7.12 6.96 -28.81
CA PHE C 38 7.15 5.65 -29.46
C PHE C 38 8.03 4.73 -28.62
N ALA C 39 7.39 3.93 -27.75
CA ALA C 39 8.15 2.97 -26.97
C ALA C 39 8.73 1.88 -27.85
N LEU C 40 7.98 1.43 -28.85
CA LEU C 40 8.45 0.52 -29.88
C LEU C 40 7.97 1.02 -31.23
N ASP C 41 8.68 0.62 -32.28
CA ASP C 41 8.33 1.08 -33.63
C ASP C 41 8.82 0.07 -34.64
N ASP C 42 7.88 -0.66 -35.26
CA ASP C 42 8.17 -1.59 -36.36
C ASP C 42 9.19 -2.66 -35.94
N ILE C 43 8.77 -3.48 -34.99
CA ILE C 43 9.57 -4.61 -34.52
C ILE C 43 9.04 -5.89 -35.14
N SER C 44 9.92 -6.64 -35.80
CA SER C 44 9.57 -7.92 -36.41
C SER C 44 10.48 -8.98 -35.83
N LEU C 45 9.88 -10.05 -35.30
CA LEU C 45 10.62 -11.05 -34.54
C LEU C 45 10.13 -12.44 -34.93
N LYS C 46 11.06 -13.38 -34.99
CA LYS C 46 10.76 -14.78 -35.28
C LYS C 46 11.59 -15.64 -34.35
N ALA C 47 10.95 -16.22 -33.35
CA ALA C 47 11.62 -17.10 -32.39
C ALA C 47 11.21 -18.53 -32.66
N TYR C 48 12.18 -19.37 -33.00
CA TYR C 48 11.96 -20.77 -33.33
C TYR C 48 11.96 -21.62 -32.05
N GLU C 49 11.99 -22.93 -32.23
CA GLU C 49 12.00 -23.87 -31.13
C GLU C 49 13.44 -24.23 -30.75
N GLY C 50 13.65 -24.43 -29.45
CA GLY C 50 14.99 -24.73 -28.96
C GLY C 50 15.97 -23.58 -29.11
N ASP C 51 15.53 -22.36 -28.80
CA ASP C 51 16.34 -21.16 -28.98
C ASP C 51 16.43 -20.40 -27.66
N VAL C 52 17.62 -19.88 -27.38
CA VAL C 52 17.83 -18.96 -26.26
C VAL C 52 18.19 -17.61 -26.87
N ILE C 53 17.33 -16.62 -26.67
CA ILE C 53 17.46 -15.32 -27.30
C ILE C 53 17.66 -14.28 -26.21
N GLY C 54 18.74 -13.50 -26.33
CA GLY C 54 19.08 -12.48 -25.36
C GLY C 54 18.86 -11.09 -25.95
N LEU C 55 18.16 -10.26 -25.20
CA LEU C 55 17.90 -8.88 -25.57
C LEU C 55 18.96 -7.98 -24.97
N VAL C 56 19.57 -7.14 -25.81
CA VAL C 56 20.62 -6.23 -25.34
C VAL C 56 20.24 -4.81 -25.72
N GLY C 57 20.75 -3.87 -24.94
CA GLY C 57 20.48 -2.47 -25.16
C GLY C 57 20.70 -1.66 -23.89
N ILE C 58 20.86 -0.35 -24.09
CA ILE C 58 21.10 0.57 -22.98
C ILE C 58 19.80 0.80 -22.23
N ASN C 59 19.88 1.45 -21.08
CA ASN C 59 18.71 1.71 -20.26
C ASN C 59 17.70 2.56 -21.03
N GLY C 60 16.43 2.15 -20.98
CA GLY C 60 15.38 2.83 -21.70
C GLY C 60 15.22 2.45 -23.15
N SER C 61 15.82 1.33 -23.58
CA SER C 61 15.73 0.92 -24.98
C SER C 61 14.38 0.32 -25.33
N GLY C 62 13.74 -0.38 -24.40
CA GLY C 62 12.45 -0.97 -24.65
C GLY C 62 12.43 -2.49 -24.59
N LYS C 63 13.31 -3.07 -23.77
CA LYS C 63 13.35 -4.52 -23.60
C LYS C 63 12.24 -5.03 -22.70
N SER C 64 11.95 -4.33 -21.61
CA SER C 64 10.87 -4.75 -20.72
C SER C 64 9.51 -4.64 -21.40
N THR C 65 9.31 -3.60 -22.22
CA THR C 65 8.05 -3.47 -22.94
C THR C 65 7.85 -4.62 -23.91
N LEU C 66 8.92 -5.00 -24.64
CA LEU C 66 8.82 -6.12 -25.56
C LEU C 66 8.57 -7.43 -24.80
N SER C 67 9.24 -7.62 -23.67
CA SER C 67 9.01 -8.83 -22.88
C SER C 67 7.58 -8.89 -22.36
N ASN C 68 7.02 -7.77 -21.92
CA ASN C 68 5.64 -7.76 -21.46
C ASN C 68 4.66 -7.99 -22.61
N ILE C 69 4.95 -7.45 -23.80
CA ILE C 69 4.11 -7.69 -24.95
C ILE C 69 4.11 -9.18 -25.31
N ILE C 70 5.29 -9.81 -25.28
CA ILE C 70 5.36 -11.25 -25.50
C ILE C 70 4.57 -12.00 -24.43
N GLY C 71 4.72 -11.58 -23.18
CA GLY C 71 4.00 -12.25 -22.09
C GLY C 71 2.49 -12.11 -22.18
N GLY C 72 2.02 -10.95 -22.61
CA GLY C 72 0.59 -10.70 -22.74
C GLY C 72 0.03 -9.67 -21.79
N SER C 73 0.82 -9.14 -20.86
CA SER C 73 0.35 -8.10 -19.96
C SER C 73 0.15 -6.76 -20.66
N LEU C 74 0.63 -6.63 -21.90
CA LEU C 74 0.47 -5.42 -22.69
C LEU C 74 -0.13 -5.76 -24.05
N SER C 75 -0.81 -4.79 -24.64
CA SER C 75 -1.43 -4.95 -25.93
C SER C 75 -0.82 -3.96 -26.92
N PRO C 76 -0.28 -4.43 -28.04
CA PRO C 76 0.33 -3.50 -29.00
C PRO C 76 -0.68 -2.54 -29.59
N THR C 77 -0.23 -1.32 -29.87
CA THR C 77 -1.09 -0.34 -30.52
C THR C 77 -1.39 -0.77 -31.95
N VAL C 78 -0.36 -1.13 -32.70
CA VAL C 78 -0.51 -1.63 -34.07
C VAL C 78 0.27 -2.94 -34.19
N GLY C 79 -0.36 -3.95 -34.74
CA GLY C 79 0.30 -5.22 -35.02
C GLY C 79 -0.20 -6.34 -34.13
N LYS C 80 0.27 -7.54 -34.45
CA LYS C 80 -0.15 -8.75 -33.76
C LYS C 80 1.06 -9.65 -33.50
N VAL C 81 0.94 -10.47 -32.47
CA VAL C 81 1.96 -11.44 -32.09
C VAL C 81 1.26 -12.74 -31.74
N ASP C 82 1.75 -13.86 -32.29
CA ASP C 82 1.17 -15.16 -32.01
C ASP C 82 2.19 -16.08 -31.34
N ARG C 83 1.72 -16.83 -30.35
CA ARG C 83 2.54 -17.73 -29.55
C ARG C 83 1.98 -19.14 -29.64
N ASN C 84 2.84 -20.12 -29.86
CA ASN C 84 2.43 -21.52 -29.87
C ASN C 84 2.70 -22.18 -28.52
N GLY C 85 1.96 -21.72 -27.51
CA GLY C 85 2.08 -22.32 -26.19
C GLY C 85 1.71 -21.32 -25.11
N GLU C 86 2.07 -21.68 -23.88
CA GLU C 86 1.83 -20.88 -22.70
C GLU C 86 3.14 -20.25 -22.24
N VAL C 87 3.09 -18.95 -21.92
CA VAL C 87 4.28 -18.20 -21.56
C VAL C 87 4.22 -17.84 -20.08
N SER C 88 5.41 -17.68 -19.49
CA SER C 88 5.52 -17.23 -18.12
C SER C 88 6.72 -16.30 -18.00
N VAL C 89 6.55 -15.22 -17.25
CA VAL C 89 7.53 -14.14 -17.15
C VAL C 89 7.96 -13.99 -15.70
N ILE C 90 9.27 -13.92 -15.48
CA ILE C 90 9.86 -13.61 -14.18
C ILE C 90 10.60 -12.28 -14.30
N ALA C 91 10.41 -11.41 -13.31
CA ALA C 91 10.95 -10.06 -13.35
C ALA C 91 11.82 -9.81 -12.12
N ILE C 92 12.32 -8.58 -12.01
CA ILE C 92 13.19 -8.21 -10.90
C ILE C 92 12.44 -8.21 -9.57
N SER C 93 11.12 -8.05 -9.58
CA SER C 93 10.31 -8.10 -8.36
C SER C 93 9.02 -8.84 -8.71
N ALA C 94 9.01 -10.14 -8.48
CA ALA C 94 7.87 -10.98 -8.83
C ALA C 94 6.73 -10.76 -7.84
N GLY C 95 5.66 -11.52 -8.01
CA GLY C 95 4.51 -11.38 -7.14
C GLY C 95 4.65 -12.21 -5.88
N LEU C 96 5.03 -11.56 -4.78
CA LEU C 96 5.18 -12.22 -3.49
C LEU C 96 4.75 -11.24 -2.41
N SER C 97 3.73 -11.62 -1.65
CA SER C 97 3.24 -10.77 -0.57
C SER C 97 4.20 -10.80 0.61
N GLY C 98 4.57 -9.61 1.10
CA GLY C 98 5.49 -9.54 2.23
C GLY C 98 4.91 -10.09 3.51
N GLN C 99 3.62 -9.84 3.77
CA GLN C 99 3.00 -10.32 5.00
C GLN C 99 2.84 -11.84 5.00
N LEU C 100 2.56 -12.42 3.84
CA LEU C 100 2.35 -13.86 3.75
C LEU C 100 3.68 -14.61 3.90
N THR C 101 3.57 -15.88 4.28
CA THR C 101 4.73 -16.74 4.40
C THR C 101 4.98 -17.43 3.05
N GLY C 102 5.97 -18.32 3.01
CA GLY C 102 6.29 -18.98 1.76
C GLY C 102 5.19 -19.91 1.28
N ILE C 103 4.62 -20.70 2.20
CA ILE C 103 3.60 -21.67 1.82
C ILE C 103 2.33 -20.97 1.35
N GLU C 104 1.92 -19.92 2.06
CA GLU C 104 0.74 -19.16 1.64
C GLU C 104 0.97 -18.51 0.28
N ASN C 105 2.17 -17.98 0.04
CA ASN C 105 2.48 -17.41 -1.26
C ASN C 105 2.42 -18.48 -2.35
N ILE C 106 2.95 -19.66 -2.07
CA ILE C 106 2.94 -20.73 -3.07
C ILE C 106 1.50 -21.10 -3.41
N GLU C 107 0.66 -21.30 -2.39
CA GLU C 107 -0.71 -21.72 -2.67
C GLU C 107 -1.50 -20.62 -3.37
N PHE C 108 -1.26 -19.35 -3.01
CA PHE C 108 -1.88 -18.25 -3.73
C PHE C 108 -1.50 -18.27 -5.21
N LYS C 109 -0.20 -18.38 -5.51
CA LYS C 109 0.25 -18.34 -6.89
C LYS C 109 -0.30 -19.51 -7.69
N MET C 110 -0.28 -20.72 -7.13
CA MET C 110 -0.80 -21.86 -7.87
C MET C 110 -2.32 -21.90 -7.91
N LEU C 111 -3.02 -21.17 -7.03
CA LEU C 111 -4.45 -21.01 -7.17
C LEU C 111 -4.81 -20.01 -8.25
N CYS C 112 -4.02 -18.95 -8.41
CA CYS C 112 -4.28 -18.00 -9.48
C CYS C 112 -4.10 -18.63 -10.86
N MET C 113 -3.16 -19.57 -10.99
CA MET C 113 -2.94 -20.24 -12.27
C MET C 113 -3.96 -21.33 -12.56
N GLY C 114 -4.73 -21.76 -11.57
CA GLY C 114 -5.78 -22.74 -11.80
C GLY C 114 -5.38 -24.18 -11.53
N PHE C 115 -4.84 -24.44 -10.35
CA PHE C 115 -4.50 -25.79 -9.92
C PHE C 115 -5.34 -26.18 -8.71
N LYS C 116 -5.80 -27.43 -8.70
CA LYS C 116 -6.57 -27.93 -7.58
C LYS C 116 -5.68 -28.10 -6.35
N ARG C 117 -6.32 -28.16 -5.17
CA ARG C 117 -5.58 -28.17 -3.92
C ARG C 117 -4.71 -29.41 -3.79
N LYS C 118 -5.20 -30.58 -4.23
CA LYS C 118 -4.39 -31.78 -4.16
C LYS C 118 -3.15 -31.67 -5.05
N GLU C 119 -3.30 -31.09 -6.24
CA GLU C 119 -2.15 -30.85 -7.10
C GLU C 119 -1.17 -29.90 -6.45
N ILE C 120 -1.67 -28.87 -5.76
CA ILE C 120 -0.79 -27.92 -5.07
C ILE C 120 0.00 -28.64 -3.99
N LYS C 121 -0.67 -29.48 -3.19
CA LYS C 121 0.03 -30.20 -2.14
C LYS C 121 1.01 -31.22 -2.69
N ALA C 122 0.71 -31.81 -3.86
CA ALA C 122 1.64 -32.75 -4.47
C ALA C 122 2.87 -32.04 -5.04
N MET C 123 2.67 -30.84 -5.59
CA MET C 123 3.77 -30.10 -6.21
C MET C 123 4.58 -29.27 -5.22
N THR C 124 4.07 -29.07 -4.01
CA THR C 124 4.81 -28.28 -3.02
C THR C 124 6.18 -28.85 -2.68
N PRO C 125 6.35 -30.17 -2.42
CA PRO C 125 7.69 -30.65 -2.03
C PRO C 125 8.77 -30.40 -3.07
N LYS C 126 8.43 -30.45 -4.36
CA LYS C 126 9.43 -30.14 -5.38
C LYS C 126 9.90 -28.70 -5.27
N ILE C 127 8.97 -27.76 -5.05
CA ILE C 127 9.33 -26.37 -4.84
C ILE C 127 10.18 -26.22 -3.60
N ILE C 128 9.82 -26.92 -2.52
CA ILE C 128 10.59 -26.84 -1.28
C ILE C 128 12.02 -27.33 -1.50
N GLU C 129 12.19 -28.42 -2.22
CA GLU C 129 13.52 -28.97 -2.46
C GLU C 129 14.33 -28.07 -3.37
N PHE C 130 13.70 -27.47 -4.39
CA PHE C 130 14.44 -26.63 -5.32
C PHE C 130 14.80 -25.28 -4.72
N SER C 131 14.00 -24.76 -3.78
CA SER C 131 14.25 -23.43 -3.24
C SER C 131 15.43 -23.41 -2.27
N GLU C 132 15.72 -24.53 -1.60
CA GLU C 132 16.73 -24.61 -0.55
C GLU C 132 16.48 -23.56 0.53
N LEU C 133 15.21 -23.37 0.87
CA LEU C 133 14.82 -22.39 1.87
C LEU C 133 14.87 -22.92 3.29
N GLY C 134 14.59 -24.20 3.49
CA GLY C 134 14.67 -24.77 4.82
C GLY C 134 13.61 -24.19 5.75
N GLU C 135 13.99 -24.00 7.02
CA GLU C 135 13.05 -23.53 8.03
C GLU C 135 12.37 -22.24 7.60
N PHE C 136 13.08 -21.40 6.85
CA PHE C 136 12.56 -20.07 6.53
C PHE C 136 11.36 -20.15 5.60
N ILE C 137 11.05 -21.33 5.04
CA ILE C 137 9.83 -21.44 4.24
C ILE C 137 8.61 -21.21 5.12
N TYR C 138 8.74 -21.43 6.42
CA TYR C 138 7.60 -21.23 7.31
C TYR C 138 7.54 -19.79 7.83
N GLN C 139 8.67 -19.08 7.76
CA GLN C 139 8.72 -17.69 8.18
C GLN C 139 8.07 -16.78 7.14
N PRO C 140 7.67 -15.57 7.53
CA PRO C 140 7.08 -14.64 6.56
C PRO C 140 8.09 -14.23 5.49
N VAL C 141 7.55 -13.88 4.32
CA VAL C 141 8.39 -13.53 3.18
C VAL C 141 9.19 -12.26 3.44
N LYS C 142 8.63 -11.35 4.23
CA LYS C 142 9.32 -10.09 4.51
C LYS C 142 10.64 -10.32 5.25
N LYS C 143 10.79 -11.48 5.90
CA LYS C 143 12.04 -11.79 6.58
C LYS C 143 13.09 -12.27 5.59
N TYR C 144 12.69 -12.58 4.36
CA TYR C 144 13.63 -13.14 3.39
C TYR C 144 14.60 -12.06 2.91
N SER C 145 15.75 -12.52 2.41
CA SER C 145 16.63 -11.65 1.65
C SER C 145 16.21 -11.63 0.19
N SER C 146 16.85 -10.76 -0.60
CA SER C 146 16.49 -10.63 -2.01
C SER C 146 16.78 -11.90 -2.78
N GLY C 147 17.92 -12.53 -2.53
CA GLY C 147 18.24 -13.77 -3.21
C GLY C 147 17.27 -14.89 -2.87
N MET C 148 16.85 -14.96 -1.61
CA MET C 148 15.89 -15.99 -1.20
C MET C 148 14.55 -15.80 -1.89
N ARG C 149 14.09 -14.55 -1.99
CA ARG C 149 12.85 -14.26 -2.71
C ARG C 149 12.97 -14.63 -4.18
N ALA C 150 14.10 -14.29 -4.80
CA ALA C 150 14.31 -14.65 -6.20
C ALA C 150 14.30 -16.16 -6.39
N LYS C 151 14.94 -16.90 -5.47
CA LYS C 151 14.95 -18.36 -5.55
C LYS C 151 13.54 -18.91 -5.44
N LEU C 152 12.75 -18.40 -4.49
CA LEU C 152 11.39 -18.90 -4.31
C LEU C 152 10.55 -18.64 -5.56
N GLY C 153 10.61 -17.41 -6.10
CA GLY C 153 9.84 -17.12 -7.30
C GLY C 153 10.27 -17.95 -8.50
N PHE C 154 11.60 -18.10 -8.69
CA PHE C 154 12.10 -18.89 -9.80
C PHE C 154 11.68 -20.35 -9.69
N SER C 155 11.74 -20.91 -8.48
CA SER C 155 11.32 -22.30 -8.29
C SER C 155 9.83 -22.46 -8.56
N ILE C 156 9.02 -21.50 -8.10
CA ILE C 156 7.58 -21.58 -8.34
C ILE C 156 7.28 -21.56 -9.83
N ASN C 157 7.96 -20.67 -10.56
CA ASN C 157 7.72 -20.58 -12.00
C ASN C 157 8.25 -21.80 -12.75
N ILE C 158 9.38 -22.34 -12.30
CA ILE C 158 10.01 -23.46 -13.01
C ILE C 158 9.23 -24.76 -12.78
N THR C 159 8.68 -24.94 -11.58
CA THR C 159 8.02 -26.20 -11.26
C THR C 159 6.86 -26.49 -12.21
N VAL C 160 6.02 -25.49 -12.47
CA VAL C 160 5.05 -25.61 -13.55
C VAL C 160 5.80 -25.54 -14.87
N ASN C 161 5.25 -26.21 -15.90
CA ASN C 161 5.97 -26.36 -17.15
C ASN C 161 5.43 -25.38 -18.19
N PRO C 162 6.15 -24.29 -18.49
CA PRO C 162 5.69 -23.37 -19.54
C PRO C 162 6.30 -23.68 -20.89
N ASP C 163 5.56 -23.42 -21.97
CA ASP C 163 6.12 -23.58 -23.30
C ASP C 163 7.17 -22.50 -23.57
N ILE C 164 6.93 -21.28 -23.13
CA ILE C 164 7.85 -20.16 -23.31
C ILE C 164 8.15 -19.55 -21.94
N LEU C 165 9.43 -19.38 -21.64
CA LEU C 165 9.87 -18.80 -20.39
C LEU C 165 10.66 -17.53 -20.66
N VAL C 166 10.32 -16.46 -19.95
CA VAL C 166 10.98 -15.17 -20.09
C VAL C 166 11.58 -14.79 -18.75
N ILE C 167 12.88 -14.47 -18.74
CA ILE C 167 13.59 -14.01 -17.55
C ILE C 167 14.05 -12.59 -17.83
N ASP C 168 13.64 -11.65 -16.97
CA ASP C 168 13.93 -10.23 -17.15
C ASP C 168 14.76 -9.75 -15.95
N GLU C 169 16.07 -9.96 -16.03
CA GLU C 169 17.05 -9.55 -15.03
C GLU C 169 16.79 -10.17 -13.66
N ALA C 170 16.08 -11.29 -13.60
CA ALA C 170 15.73 -11.89 -12.31
C ALA C 170 16.95 -12.49 -11.63
N LEU C 171 17.95 -12.92 -12.42
CA LEU C 171 19.11 -13.60 -11.87
C LEU C 171 20.19 -12.66 -11.37
N SER C 172 19.96 -11.34 -11.44
CA SER C 172 21.00 -10.40 -11.03
C SER C 172 21.28 -10.50 -9.53
N VAL C 173 20.24 -10.75 -8.73
CA VAL C 173 20.43 -10.82 -7.28
C VAL C 173 20.96 -12.19 -6.86
N GLY C 174 20.68 -13.22 -7.65
CA GLY C 174 21.12 -14.56 -7.30
C GLY C 174 22.64 -14.68 -7.44
N ASP C 175 23.21 -15.59 -6.66
CA ASP C 175 24.65 -15.80 -6.66
C ASP C 175 25.06 -16.78 -7.76
N GLN C 176 26.32 -17.21 -7.70
CA GLN C 176 26.89 -17.99 -8.81
C GLN C 176 26.38 -19.42 -8.81
N THR C 177 26.23 -20.03 -7.64
CA THR C 177 25.73 -21.40 -7.57
C THR C 177 24.30 -21.50 -8.09
N PHE C 178 23.46 -20.54 -7.71
CA PHE C 178 22.10 -20.49 -8.25
C PHE C 178 22.13 -20.28 -9.76
N ALA C 179 23.06 -19.48 -10.25
CA ALA C 179 23.19 -19.28 -11.69
C ALA C 179 23.56 -20.59 -12.39
N GLN C 180 24.46 -21.37 -11.81
CA GLN C 180 24.83 -22.65 -12.40
C GLN C 180 23.64 -23.61 -12.41
N LYS C 181 22.88 -23.65 -11.33
CA LYS C 181 21.70 -24.51 -11.30
C LYS C 181 20.67 -24.09 -12.34
N CYS C 182 20.47 -22.77 -12.49
CA CYS C 182 19.56 -22.28 -13.54
C CYS C 182 20.10 -22.62 -14.93
N LEU C 183 21.42 -22.59 -15.11
CA LEU C 183 22.00 -22.98 -16.39
C LEU C 183 21.71 -24.44 -16.72
N ASP C 184 21.84 -25.32 -15.72
CA ASP C 184 21.50 -26.72 -15.93
C ASP C 184 20.02 -26.89 -16.27
N LYS C 185 19.16 -26.16 -15.56
CA LYS C 185 17.73 -26.22 -15.86
C LYS C 185 17.44 -25.72 -17.27
N ILE C 186 18.16 -24.70 -17.72
CA ILE C 186 17.97 -24.17 -19.07
C ILE C 186 18.42 -25.19 -20.11
N TYR C 187 19.51 -25.90 -19.84
CA TYR C 187 19.92 -26.97 -20.75
C TYR C 187 18.85 -28.05 -20.84
N GLU C 188 18.27 -28.44 -19.70
CA GLU C 188 17.20 -29.44 -19.72
C GLU C 188 15.99 -28.93 -20.50
N PHE C 189 15.64 -27.65 -20.32
CA PHE C 189 14.50 -27.09 -21.03
C PHE C 189 14.77 -27.01 -22.53
N LYS C 190 16.01 -26.74 -22.92
CA LYS C 190 16.39 -26.78 -24.34
C LYS C 190 16.23 -28.19 -24.88
N GLU C 191 16.59 -29.19 -24.09
CA GLU C 191 16.33 -30.58 -24.49
C GLU C 191 14.85 -30.85 -24.62
N GLN C 192 14.02 -30.18 -23.80
CA GLN C 192 12.58 -30.34 -23.90
C GLN C 192 11.97 -29.44 -24.98
N ASN C 193 12.80 -28.74 -25.75
CA ASN C 193 12.35 -27.90 -26.86
C ASN C 193 11.49 -26.73 -26.41
N LYS C 194 11.75 -26.20 -25.22
CA LYS C 194 11.12 -24.95 -24.81
C LYS C 194 11.88 -23.76 -25.36
N THR C 195 11.23 -22.59 -25.36
CA THR C 195 11.85 -21.36 -25.83
C THR C 195 12.06 -20.42 -24.65
N ILE C 196 13.30 -19.96 -24.48
CA ILE C 196 13.70 -19.15 -23.34
C ILE C 196 14.23 -17.81 -23.83
N PHE C 197 13.72 -16.73 -23.24
CA PHE C 197 14.22 -15.38 -23.46
C PHE C 197 14.94 -14.94 -22.20
N PHE C 198 16.13 -14.37 -22.35
CA PHE C 198 16.98 -14.00 -21.23
C PHE C 198 17.43 -12.55 -21.38
N VAL C 199 17.16 -11.74 -20.36
CA VAL C 199 17.58 -10.34 -20.34
C VAL C 199 18.45 -10.11 -19.12
N SER C 200 19.64 -9.56 -19.34
CA SER C 200 20.54 -9.24 -18.24
C SER C 200 21.55 -8.20 -18.70
N HIS C 201 22.08 -7.45 -17.73
CA HIS C 201 23.13 -6.48 -17.97
C HIS C 201 24.52 -7.03 -17.67
N ASN C 202 24.62 -8.31 -17.33
CA ASN C 202 25.89 -8.99 -17.15
C ASN C 202 26.23 -9.72 -18.45
N LEU C 203 27.24 -9.22 -19.16
CA LEU C 203 27.54 -9.74 -20.48
C LEU C 203 28.15 -11.14 -20.44
N GLY C 204 28.87 -11.50 -19.37
CA GLY C 204 29.36 -12.86 -19.25
C GLY C 204 28.23 -13.87 -19.09
N GLN C 205 27.22 -13.52 -18.28
CA GLN C 205 26.06 -14.38 -18.14
C GLN C 205 25.30 -14.51 -19.46
N VAL C 206 25.20 -13.41 -20.21
CA VAL C 206 24.57 -13.47 -21.53
C VAL C 206 25.36 -14.38 -22.45
N ARG C 207 26.68 -14.27 -22.43
CA ARG C 207 27.51 -15.11 -23.29
C ARG C 207 27.36 -16.58 -22.95
N GLN C 208 27.33 -16.92 -21.67
CA GLN C 208 27.25 -18.32 -21.25
C GLN C 208 25.82 -18.83 -21.20
N PHE C 209 24.81 -17.99 -21.43
CA PHE C 209 23.42 -18.40 -21.39
C PHE C 209 22.77 -18.43 -22.78
N CYS C 210 22.97 -17.40 -23.58
CA CYS C 210 22.21 -17.21 -24.81
C CYS C 210 22.91 -17.80 -26.02
N THR C 211 22.14 -17.99 -27.09
CA THR C 211 22.66 -18.46 -28.36
C THR C 211 22.34 -17.53 -29.53
N LYS C 212 21.32 -16.67 -29.41
CA LYS C 212 21.01 -15.66 -30.40
C LYS C 212 20.82 -14.33 -29.70
N ILE C 213 21.07 -13.24 -30.41
CA ILE C 213 21.08 -11.90 -29.82
C ILE C 213 20.19 -10.98 -30.64
N ALA C 214 19.36 -10.21 -29.94
CA ALA C 214 18.56 -9.13 -30.51
C ALA C 214 18.97 -7.83 -29.83
N TRP C 215 19.37 -6.85 -30.63
CA TRP C 215 19.87 -5.57 -30.16
C TRP C 215 18.80 -4.50 -30.39
N ILE C 216 18.39 -3.82 -29.33
CA ILE C 216 17.34 -2.81 -29.39
C ILE C 216 17.95 -1.47 -29.01
N GLU C 217 17.78 -0.47 -29.88
CA GLU C 217 18.31 0.86 -29.66
C GLU C 217 17.23 1.89 -29.95
N GLY C 218 16.72 2.54 -28.91
CA GLY C 218 15.70 3.55 -29.08
C GLY C 218 14.38 3.03 -29.61
N GLY C 219 13.98 1.83 -29.19
CA GLY C 219 12.73 1.25 -29.64
C GLY C 219 12.76 0.59 -30.99
N LYS C 220 13.91 0.57 -31.67
CA LYS C 220 14.04 -0.03 -32.98
C LYS C 220 15.08 -1.13 -32.95
N LEU C 221 14.79 -2.25 -33.61
CA LEU C 221 15.71 -3.38 -33.65
C LEU C 221 16.89 -3.05 -34.55
N LYS C 222 18.04 -2.76 -33.95
CA LYS C 222 19.24 -2.47 -34.72
C LYS C 222 19.74 -3.70 -35.46
N ASP C 223 19.80 -4.84 -34.77
CA ASP C 223 20.34 -6.06 -35.37
C ASP C 223 19.84 -7.29 -34.62
N TYR C 224 19.47 -8.32 -35.38
CA TYR C 224 19.13 -9.64 -34.86
C TYR C 224 20.04 -10.63 -35.57
N GLY C 225 20.68 -11.51 -34.80
CA GLY C 225 21.49 -12.54 -35.41
C GLY C 225 22.04 -13.48 -34.36
N GLU C 226 23.11 -14.16 -34.75
CA GLU C 226 23.78 -15.10 -33.86
C GLU C 226 24.52 -14.33 -32.77
N LEU C 227 24.87 -15.04 -31.69
CA LEU C 227 25.64 -14.45 -30.60
C LEU C 227 26.97 -13.88 -31.11
N ASP C 228 27.73 -14.70 -31.84
CA ASP C 228 29.10 -14.33 -32.19
C ASP C 228 29.14 -13.17 -33.17
N ASP C 229 28.02 -12.87 -33.83
CA ASP C 229 27.99 -11.76 -34.75
C ASP C 229 27.50 -10.49 -34.08
N VAL C 230 26.35 -10.56 -33.40
CA VAL C 230 25.74 -9.34 -32.85
C VAL C 230 26.49 -8.85 -31.63
N LEU C 231 26.92 -9.75 -30.75
CA LEU C 231 27.54 -9.32 -29.50
C LEU C 231 28.79 -8.47 -29.71
N PRO C 232 29.74 -8.83 -30.58
CA PRO C 232 30.91 -7.94 -30.78
C PRO C 232 30.55 -6.55 -31.24
N LYS C 233 29.52 -6.39 -32.07
CA LYS C 233 29.11 -5.06 -32.48
C LYS C 233 28.62 -4.24 -31.31
N TYR C 234 27.83 -4.85 -30.42
CA TYR C 234 27.35 -4.13 -29.23
C TYR C 234 28.50 -3.75 -28.33
N GLU C 235 29.47 -4.65 -28.13
CA GLU C 235 30.62 -4.31 -27.32
C GLU C 235 31.44 -3.18 -27.93
N ALA C 236 31.64 -3.22 -29.25
CA ALA C 236 32.37 -2.15 -29.93
C ALA C 236 31.64 -0.82 -29.79
N PHE C 237 30.32 -0.84 -29.89
CA PHE C 237 29.55 0.38 -29.70
C PHE C 237 29.70 0.92 -28.28
N LEU C 238 29.71 0.02 -27.28
CA LEU C 238 29.90 0.47 -25.91
C LEU C 238 31.27 1.11 -25.72
N ASN C 239 32.33 0.49 -26.26
CA ASN C 239 33.67 1.08 -26.16
C ASN C 239 33.74 2.42 -26.88
N ASP C 240 33.12 2.52 -28.06
CA ASP C 240 33.12 3.78 -28.79
C ASP C 240 32.40 4.87 -28.00
N PHE C 241 31.28 4.52 -27.36
CA PHE C 241 30.58 5.48 -26.52
C PHE C 241 31.43 5.91 -25.33
N LYS C 242 32.19 4.97 -24.76
CA LYS C 242 33.12 5.33 -23.70
C LYS C 242 34.18 6.30 -24.21
N LYS C 243 34.60 6.14 -25.46
CA LYS C 243 35.61 7.04 -26.04
C LYS C 243 35.07 8.46 -26.17
N LYS C 244 33.80 8.61 -26.51
CA LYS C 244 33.24 9.92 -26.84
C LYS C 244 33.24 10.84 -25.64
N SER C 245 33.32 12.15 -25.91
CA SER C 245 33.28 13.15 -24.85
C SER C 245 31.86 13.37 -24.37
N LYS C 246 31.74 14.13 -23.28
CA LYS C 246 30.43 14.33 -22.64
C LYS C 246 29.46 15.05 -23.58
N ALA C 247 29.94 16.06 -24.31
CA ALA C 247 29.07 16.79 -25.22
C ALA C 247 28.54 15.88 -26.33
N GLU C 248 29.39 15.01 -26.87
CA GLU C 248 28.95 14.09 -27.91
C GLU C 248 27.91 13.10 -27.38
N GLN C 249 28.12 12.60 -26.16
CA GLN C 249 27.14 11.71 -25.55
C GLN C 249 25.80 12.41 -25.36
N LYS C 250 25.84 13.66 -24.89
CA LYS C 250 24.61 14.43 -24.72
C LYS C 250 23.91 14.65 -26.05
N GLU C 251 24.68 14.95 -27.11
CA GLU C 251 24.09 15.15 -28.42
C GLU C 251 23.45 13.87 -28.94
N PHE C 252 24.11 12.72 -28.74
CA PHE C 252 23.55 11.45 -29.18
C PHE C 252 22.25 11.14 -28.45
N ARG C 253 22.23 11.34 -27.12
CA ARG C 253 21.00 11.12 -26.37
C ARG C 253 19.90 12.06 -26.81
N ASN C 254 20.24 13.33 -27.08
CA ASN C 254 19.25 14.30 -27.53
C ASN C 254 18.69 13.92 -28.89
N LYS C 255 19.54 13.40 -29.78
CA LYS C 255 19.05 12.95 -31.09
C LYS C 255 18.08 11.79 -30.94
N LEU C 256 18.42 10.82 -30.07
CA LEU C 256 17.48 9.73 -29.84
C LEU C 256 16.16 10.23 -29.27
N ASP C 257 16.22 11.16 -28.32
CA ASP C 257 14.99 11.70 -27.72
C ASP C 257 14.17 12.46 -28.76
N GLU C 258 14.83 13.21 -29.63
CA GLU C 258 14.13 13.89 -30.71
C GLU C 258 13.43 12.90 -31.64
N SER C 259 14.11 11.80 -31.96
CA SER C 259 13.50 10.79 -32.82
C SER C 259 12.29 10.14 -32.17
N ARG C 260 12.36 9.92 -30.84
CA ARG C 260 11.32 9.12 -30.19
C ARG C 260 10.02 9.91 -30.00
N PHE C 261 10.11 11.21 -29.69
CA PHE C 261 8.93 12.03 -29.41
C PHE C 261 8.39 12.62 -30.71
N VAL C 262 7.07 12.67 -30.83
CA VAL C 262 6.45 13.34 -31.98
C VAL C 262 5.05 13.82 -31.60
N ILE C 263 4.65 14.94 -32.19
CA ILE C 263 3.35 15.56 -31.92
C ILE C 263 2.39 15.11 -33.02
N LYS C 264 1.54 14.13 -32.71
CA LYS C 264 0.55 13.63 -33.65
C LYS C 264 -0.51 12.82 -32.93
N MET D 25 -24.65 -5.84 -26.28
CA MET D 25 -25.26 -7.15 -26.11
C MET D 25 -24.20 -8.24 -25.95
N SER D 26 -23.06 -8.05 -26.61
CA SER D 26 -21.95 -8.98 -26.46
C SER D 26 -21.25 -8.81 -25.12
N ALA D 27 -21.25 -7.59 -24.58
CA ALA D 27 -20.60 -7.33 -23.29
C ALA D 27 -21.28 -8.11 -22.17
N ILE D 28 -22.61 -8.12 -22.16
CA ILE D 28 -23.36 -8.82 -21.12
C ILE D 28 -23.05 -10.32 -21.17
N GLY D 29 -23.10 -10.90 -22.37
CA GLY D 29 -22.78 -12.31 -22.50
C GLY D 29 -21.36 -12.64 -22.11
N THR D 30 -20.41 -11.76 -22.49
CA THR D 30 -19.01 -11.99 -22.14
C THR D 30 -18.82 -11.97 -20.63
N VAL D 31 -19.38 -10.97 -19.95
CA VAL D 31 -19.24 -10.87 -18.50
C VAL D 31 -19.91 -12.05 -17.81
N PHE D 32 -21.10 -12.45 -18.29
CA PHE D 32 -21.79 -13.58 -17.69
C PHE D 32 -20.97 -14.87 -17.85
N LYS D 33 -20.40 -15.08 -19.04
CA LYS D 33 -19.57 -16.26 -19.25
C LYS D 33 -18.33 -16.25 -18.36
N GLU D 34 -17.69 -15.08 -18.24
CA GLU D 34 -16.51 -14.98 -17.38
C GLU D 34 -16.85 -15.30 -15.93
N HIS D 35 -17.99 -14.81 -15.45
CA HIS D 35 -18.37 -15.07 -14.06
C HIS D 35 -18.78 -16.52 -13.85
N VAL D 36 -19.48 -17.11 -14.82
CA VAL D 36 -19.92 -18.50 -14.68
C VAL D 36 -18.73 -19.45 -14.70
N LYS D 37 -17.74 -19.17 -15.56
CA LYS D 37 -16.61 -20.09 -15.70
C LYS D 37 -15.72 -20.10 -14.45
N ASN D 38 -15.61 -18.97 -13.74
CA ASN D 38 -14.66 -18.81 -12.65
C ASN D 38 -15.34 -18.72 -11.28
N PHE D 39 -16.37 -19.53 -11.06
CA PHE D 39 -17.10 -19.48 -9.79
C PHE D 39 -16.23 -19.95 -8.63
N TYR D 40 -15.61 -21.12 -8.77
CA TYR D 40 -14.81 -21.67 -7.69
C TYR D 40 -13.55 -20.84 -7.45
N LEU D 41 -12.97 -20.29 -8.52
CA LEU D 41 -11.83 -19.38 -8.34
C LEU D 41 -12.24 -18.15 -7.55
N ILE D 42 -13.42 -17.60 -7.83
CA ILE D 42 -13.92 -16.45 -7.09
C ILE D 42 -14.07 -16.81 -5.60
N GLN D 43 -14.66 -17.98 -5.33
CA GLN D 43 -14.84 -18.40 -3.95
C GLN D 43 -13.51 -18.54 -3.22
N ARG D 44 -12.54 -19.19 -3.87
CA ARG D 44 -11.24 -19.40 -3.23
C ARG D 44 -10.51 -18.09 -3.00
N LEU D 45 -10.56 -17.17 -3.97
CA LEU D 45 -9.91 -15.88 -3.80
C LEU D 45 -10.56 -15.08 -2.69
N ALA D 46 -11.89 -15.13 -2.56
CA ALA D 46 -12.55 -14.47 -1.44
C ALA D 46 -12.13 -15.06 -0.11
N GLN D 47 -12.05 -16.40 -0.04
CA GLN D 47 -11.60 -17.05 1.20
C GLN D 47 -10.18 -16.65 1.56
N PHE D 48 -9.31 -16.49 0.56
CA PHE D 48 -7.95 -16.06 0.83
C PHE D 48 -7.88 -14.60 1.27
N GLN D 49 -8.69 -13.74 0.65
CA GLN D 49 -8.71 -12.34 1.04
C GLN D 49 -9.22 -12.17 2.48
N VAL D 50 -10.18 -12.98 2.89
CA VAL D 50 -10.67 -12.92 4.26
C VAL D 50 -9.52 -13.15 5.24
N LYS D 51 -8.69 -14.15 4.97
CA LYS D 51 -7.53 -14.40 5.81
C LYS D 51 -6.49 -13.29 5.71
N ILE D 52 -6.32 -12.72 4.51
CA ILE D 52 -5.31 -11.70 4.31
C ILE D 52 -5.63 -10.45 5.13
N ILE D 53 -6.89 -10.01 5.13
CA ILE D 53 -7.24 -8.77 5.82
C ILE D 53 -7.28 -8.93 7.34
N ASN D 54 -7.26 -10.15 7.85
CA ASN D 54 -7.28 -10.42 9.28
C ASN D 54 -6.00 -11.12 9.73
N HIS D 55 -4.86 -10.62 9.25
CA HIS D 55 -3.59 -11.35 9.44
C HIS D 55 -3.05 -11.18 10.86
N SER D 56 -2.77 -9.95 11.26
CA SER D 56 -2.04 -9.68 12.50
C SER D 56 -2.94 -9.52 13.72
N ASN D 57 -4.26 -9.63 13.56
CA ASN D 57 -5.15 -9.56 14.72
C ASN D 57 -5.03 -10.81 15.57
N TYR D 58 -5.05 -10.63 16.88
CA TYR D 58 -4.92 -11.76 17.79
C TYR D 58 -6.18 -12.62 17.80
N LEU D 59 -7.35 -12.00 17.72
CA LEU D 59 -8.59 -12.76 17.68
C LEU D 59 -8.81 -13.45 16.35
N GLY D 60 -8.30 -12.86 15.26
CA GLY D 60 -8.38 -13.50 13.96
C GLY D 60 -9.58 -13.07 13.13
N VAL D 61 -10.39 -14.04 12.70
CA VAL D 61 -11.54 -13.77 11.85
C VAL D 61 -12.76 -13.49 12.72
N ALA D 62 -12.59 -13.55 14.04
CA ALA D 62 -13.69 -13.24 14.94
C ALA D 62 -14.14 -11.79 14.83
N TRP D 63 -13.24 -10.89 14.43
CA TRP D 63 -13.60 -9.48 14.31
C TRP D 63 -14.69 -9.26 13.26
N GLU D 64 -14.77 -10.11 12.24
CA GLU D 64 -15.85 -10.01 11.27
C GLU D 64 -17.22 -10.13 11.92
N LEU D 65 -17.30 -10.80 13.07
CA LEU D 65 -18.53 -10.85 13.85
C LEU D 65 -18.56 -9.82 14.97
N ILE D 66 -17.40 -9.29 15.36
CA ILE D 66 -17.36 -8.38 16.51
C ILE D 66 -17.54 -6.95 16.06
N ASN D 67 -16.95 -6.56 14.94
CA ASN D 67 -17.04 -5.19 14.47
C ASN D 67 -18.47 -4.72 14.23
N PRO D 68 -19.33 -5.44 13.50
CA PRO D 68 -20.72 -4.97 13.35
C PRO D 68 -21.52 -4.97 14.65
N VAL D 69 -21.37 -6.01 15.48
CA VAL D 69 -22.21 -6.15 16.68
C VAL D 69 -22.10 -4.92 17.55
N MET D 70 -20.87 -4.46 17.84
CA MET D 70 -20.70 -3.26 18.65
C MET D 70 -21.48 -2.09 18.06
N GLN D 71 -21.38 -1.89 16.74
CA GLN D 71 -22.12 -0.81 16.11
C GLN D 71 -23.61 -0.92 16.42
N ILE D 72 -24.16 -2.13 16.29
CA ILE D 72 -25.57 -2.34 16.59
C ILE D 72 -25.89 -1.86 17.99
N MET D 73 -25.05 -2.22 18.96
CA MET D 73 -25.26 -1.79 20.33
C MET D 73 -25.40 -0.28 20.40
N VAL D 74 -24.48 0.45 19.75
CA VAL D 74 -24.55 1.90 19.77
C VAL D 74 -25.86 2.36 19.16
N TYR D 75 -26.25 1.77 18.03
CA TYR D 75 -27.49 2.20 17.37
C TYR D 75 -28.71 1.85 18.20
N TRP D 76 -28.58 0.92 19.16
CA TRP D 76 -29.70 0.64 20.05
C TRP D 76 -29.71 1.61 21.22
N MET D 77 -28.54 2.09 21.63
CA MET D 77 -28.47 2.98 22.78
C MET D 77 -28.94 4.39 22.42
N VAL D 78 -28.68 4.81 21.19
CA VAL D 78 -29.02 6.18 20.78
C VAL D 78 -30.47 6.25 20.31
N PHE D 79 -30.80 5.48 19.27
CA PHE D 79 -32.11 5.57 18.64
C PHE D 79 -33.17 4.73 19.34
N GLY D 80 -32.77 3.78 20.18
CA GLY D 80 -33.73 2.93 20.85
C GLY D 80 -34.03 3.34 22.27
N LEU D 81 -32.97 3.60 23.05
CA LEU D 81 -33.16 4.01 24.43
C LEU D 81 -33.38 5.52 24.55
N GLY D 82 -32.55 6.30 23.87
CA GLY D 82 -32.67 7.75 23.91
C GLY D 82 -33.93 8.23 23.22
N ILE D 83 -33.98 8.08 21.90
CA ILE D 83 -35.20 8.38 21.15
C ILE D 83 -36.14 7.19 21.22
N ARG D 84 -37.43 7.45 21.00
CA ARG D 84 -38.49 6.45 20.98
C ARG D 84 -38.80 5.90 22.37
N SER D 85 -37.96 6.22 23.36
CA SER D 85 -38.14 5.78 24.75
C SER D 85 -38.39 4.27 24.83
N ASN D 86 -37.75 3.51 23.93
CA ASN D 86 -37.89 2.05 23.87
C ASN D 86 -39.34 1.63 23.67
N ALA D 87 -39.97 2.19 22.64
CA ALA D 87 -41.35 1.83 22.35
C ALA D 87 -41.40 0.78 21.24
N PRO D 88 -42.20 -0.27 21.40
CA PRO D 88 -42.26 -1.33 20.38
C PRO D 88 -42.95 -0.86 19.11
N ILE D 89 -42.64 -1.56 18.01
CA ILE D 89 -43.20 -1.26 16.70
C ILE D 89 -43.90 -2.51 16.19
N HIS D 90 -45.16 -2.35 15.78
CA HIS D 90 -45.95 -3.42 15.16
C HIS D 90 -46.07 -4.64 16.05
N GLY D 91 -46.12 -4.43 17.37
CA GLY D 91 -46.22 -5.54 18.31
C GLY D 91 -44.91 -6.27 18.56
N VAL D 92 -43.80 -5.81 18.00
CA VAL D 92 -42.50 -6.45 18.16
C VAL D 92 -41.61 -5.52 18.99
N PRO D 93 -40.80 -6.04 19.91
CA PRO D 93 -39.85 -5.17 20.61
C PRO D 93 -38.89 -4.51 19.63
N PHE D 94 -38.50 -3.27 19.96
CA PHE D 94 -37.67 -2.49 19.05
C PHE D 94 -36.30 -3.12 18.85
N VAL D 95 -35.80 -3.87 19.84
CA VAL D 95 -34.46 -4.44 19.73
C VAL D 95 -34.38 -5.42 18.56
N TYR D 96 -35.34 -6.33 18.46
CA TYR D 96 -35.32 -7.30 17.37
C TYR D 96 -35.74 -6.69 16.05
N TRP D 97 -36.64 -5.71 16.08
CA TRP D 97 -36.99 -4.95 14.88
C TRP D 97 -35.75 -4.29 14.27
N LEU D 98 -34.89 -3.74 15.12
CA LEU D 98 -33.64 -3.15 14.62
C LEU D 98 -32.63 -4.22 14.24
N LEU D 99 -32.59 -5.33 14.99
CA LEU D 99 -31.64 -6.39 14.71
C LEU D 99 -31.85 -7.01 13.34
N VAL D 100 -33.11 -7.23 12.95
CA VAL D 100 -33.39 -7.85 11.66
C VAL D 100 -33.03 -6.90 10.52
N GLY D 101 -33.29 -5.61 10.70
CA GLY D 101 -33.07 -4.66 9.61
C GLY D 101 -31.63 -4.21 9.47
N ILE D 102 -30.85 -4.30 10.55
CA ILE D 102 -29.48 -3.78 10.53
C ILE D 102 -28.50 -4.79 9.94
N SER D 103 -28.94 -6.03 9.74
CA SER D 103 -27.99 -7.11 9.41
C SER D 103 -27.33 -6.89 8.05
N MET D 104 -28.10 -6.45 7.05
CA MET D 104 -27.57 -6.40 5.70
C MET D 104 -26.75 -5.13 5.46
N TRP D 105 -26.89 -4.14 6.32
CA TRP D 105 -26.31 -2.82 6.06
C TRP D 105 -24.79 -2.87 6.04
N PHE D 106 -24.20 -3.59 7.00
CA PHE D 106 -22.74 -3.64 7.06
C PHE D 106 -22.18 -4.29 5.80
N PHE D 107 -22.79 -5.40 5.37
CA PHE D 107 -22.33 -6.05 4.14
C PHE D 107 -22.47 -5.12 2.94
N ILE D 108 -23.63 -4.46 2.79
CA ILE D 108 -23.84 -3.60 1.63
C ILE D 108 -22.84 -2.45 1.63
N ASN D 109 -22.70 -1.76 2.77
CA ASN D 109 -21.81 -0.62 2.86
C ASN D 109 -20.36 -1.02 2.59
N GLN D 110 -19.89 -2.08 3.25
CA GLN D 110 -18.50 -2.49 3.07
C GLN D 110 -18.24 -2.95 1.64
N GLY D 111 -19.16 -3.73 1.06
CA GLY D 111 -18.96 -4.19 -0.30
C GLY D 111 -18.91 -3.04 -1.30
N ILE D 112 -19.82 -2.09 -1.19
CA ILE D 112 -19.83 -0.98 -2.12
C ILE D 112 -18.60 -0.09 -1.92
N LEU D 113 -18.17 0.10 -0.67
CA LEU D 113 -17.03 0.96 -0.41
C LEU D 113 -15.71 0.34 -0.88
N GLU D 114 -15.52 -0.96 -0.66
CA GLU D 114 -14.26 -1.61 -1.02
C GLU D 114 -14.21 -2.05 -2.47
N GLY D 115 -15.36 -2.34 -3.10
CA GLY D 115 -15.35 -2.74 -4.49
C GLY D 115 -15.07 -1.62 -5.46
N THR D 116 -15.26 -0.36 -5.04
CA THR D 116 -14.97 0.77 -5.91
C THR D 116 -13.47 0.96 -6.11
N LYS D 117 -12.66 0.53 -5.14
CA LYS D 117 -11.21 0.67 -5.20
C LYS D 117 -10.50 -0.64 -5.52
N ALA D 118 -11.25 -1.67 -5.92
CA ALA D 118 -10.64 -2.98 -6.14
C ALA D 118 -9.69 -2.97 -7.34
N ILE D 119 -10.13 -2.43 -8.47
CA ILE D 119 -9.30 -2.41 -9.66
C ILE D 119 -8.14 -1.43 -9.49
N THR D 120 -8.41 -0.25 -8.94
CA THR D 120 -7.37 0.77 -8.80
C THR D 120 -6.24 0.29 -7.89
N GLN D 121 -6.58 -0.34 -6.77
CA GLN D 121 -5.56 -0.73 -5.81
C GLN D 121 -4.77 -1.95 -6.28
N LYS D 122 -5.44 -2.94 -6.87
CA LYS D 122 -4.84 -4.23 -7.19
C LYS D 122 -4.69 -4.44 -8.70
N PHE D 123 -4.30 -3.40 -9.44
CA PHE D 123 -4.15 -3.54 -10.88
C PHE D 123 -2.80 -4.15 -11.25
N ASN D 124 -1.71 -3.65 -10.67
CA ASN D 124 -0.39 -4.10 -11.07
C ASN D 124 -0.16 -5.58 -10.76
N GLN D 125 -0.63 -6.04 -9.61
CA GLN D 125 -0.45 -7.44 -9.24
C GLN D 125 -1.28 -8.39 -10.10
N VAL D 126 -2.30 -7.89 -10.79
CA VAL D 126 -3.15 -8.73 -11.63
C VAL D 126 -2.98 -8.44 -13.11
N SER D 127 -2.34 -7.33 -13.49
CA SER D 127 -2.08 -7.07 -14.89
C SER D 127 -1.17 -8.14 -15.48
N LYS D 128 -0.14 -8.54 -14.74
CA LYS D 128 0.73 -9.63 -15.18
C LYS D 128 0.00 -10.96 -15.12
N MET D 129 -0.82 -11.17 -14.11
CA MET D 129 -1.57 -12.42 -13.98
C MET D 129 -2.64 -12.52 -15.06
N ASN D 130 -3.04 -13.75 -15.35
CA ASN D 130 -3.96 -14.04 -16.45
C ASN D 130 -5.25 -14.64 -15.89
N PHE D 131 -6.17 -13.78 -15.48
CA PHE D 131 -7.54 -14.15 -15.18
C PHE D 131 -8.42 -12.96 -15.54
N PRO D 132 -9.71 -13.19 -15.78
CA PRO D 132 -10.59 -12.08 -16.18
C PRO D 132 -10.59 -10.95 -15.15
N LEU D 133 -10.59 -9.73 -15.67
CA LEU D 133 -10.58 -8.53 -14.82
C LEU D 133 -11.96 -8.17 -14.30
N SER D 134 -13.03 -8.75 -14.86
CA SER D 134 -14.38 -8.44 -14.41
C SER D 134 -14.77 -9.19 -13.15
N ILE D 135 -13.97 -10.17 -12.72
CA ILE D 135 -14.27 -10.93 -11.51
C ILE D 135 -13.49 -10.42 -10.31
N ILE D 136 -12.73 -9.34 -10.47
CA ILE D 136 -11.91 -8.81 -9.39
C ILE D 136 -12.79 -8.19 -8.30
N PRO D 137 -13.69 -7.24 -8.61
CA PRO D 137 -14.58 -6.73 -7.56
C PRO D 137 -15.49 -7.80 -6.96
N THR D 138 -15.96 -8.74 -7.77
CA THR D 138 -16.97 -9.69 -7.31
C THR D 138 -16.51 -10.48 -6.10
N TYR D 139 -15.33 -11.11 -6.18
CA TYR D 139 -14.84 -11.85 -5.02
C TYR D 139 -14.56 -10.94 -3.85
N ILE D 140 -14.20 -9.67 -4.10
CA ILE D 140 -14.12 -8.70 -3.02
C ILE D 140 -15.44 -8.65 -2.25
N VAL D 141 -16.55 -8.51 -2.99
CA VAL D 141 -17.86 -8.57 -2.36
C VAL D 141 -18.05 -9.91 -1.66
N THR D 142 -17.60 -11.00 -2.28
CA THR D 142 -17.73 -12.30 -1.67
C THR D 142 -16.91 -12.43 -0.40
N SER D 143 -15.93 -11.55 -0.20
CA SER D 143 -15.13 -11.57 1.05
C SER D 143 -15.99 -11.10 2.23
N ARG D 144 -17.04 -10.30 1.96
CA ARG D 144 -17.89 -9.79 3.02
C ARG D 144 -19.17 -10.62 3.21
N PHE D 145 -19.73 -11.15 2.11
CA PHE D 145 -20.97 -11.92 2.20
C PHE D 145 -20.90 -13.00 3.27
N TYR D 146 -19.80 -13.75 3.30
CA TYR D 146 -19.60 -14.75 4.35
C TYR D 146 -19.97 -14.20 5.71
N GLY D 147 -19.32 -13.11 6.13
CA GLY D 147 -19.61 -12.55 7.44
C GLY D 147 -21.07 -12.24 7.62
N HIS D 148 -21.68 -11.60 6.61
CA HIS D 148 -23.11 -11.30 6.69
C HIS D 148 -23.90 -12.56 7.01
N LEU D 149 -23.66 -13.63 6.26
CA LEU D 149 -24.38 -14.88 6.51
C LEU D 149 -24.30 -15.27 7.98
N GLY D 150 -23.07 -15.26 8.53
CA GLY D 150 -22.92 -15.62 9.92
C GLY D 150 -23.79 -14.78 10.82
N LEU D 151 -23.70 -13.45 10.66
CA LEU D 151 -24.52 -12.57 11.49
C LEU D 151 -26.00 -12.92 11.34
N LEU D 152 -26.45 -13.13 10.10
CA LEU D 152 -27.85 -13.46 9.89
C LEU D 152 -28.25 -14.67 10.72
N LEU D 153 -27.43 -15.73 10.69
CA LEU D 153 -27.74 -16.92 11.46
C LEU D 153 -27.94 -16.56 12.92
N LEU D 154 -26.99 -15.82 13.50
CA LEU D 154 -27.10 -15.47 14.91
C LEU D 154 -28.40 -14.72 15.18
N VAL D 155 -28.77 -13.81 14.29
CA VAL D 155 -29.99 -13.04 14.49
C VAL D 155 -31.18 -13.98 14.64
N ILE D 156 -31.29 -14.96 13.75
CA ILE D 156 -32.40 -15.92 13.85
C ILE D 156 -32.32 -16.66 15.17
N ILE D 157 -31.12 -17.09 15.56
CA ILE D 157 -30.95 -17.78 16.83
C ILE D 157 -31.32 -16.85 17.99
N ALA D 158 -31.05 -15.55 17.83
CA ALA D 158 -31.40 -14.60 18.88
C ALA D 158 -32.89 -14.31 18.92
N CYS D 159 -33.64 -14.69 17.88
CA CYS D 159 -35.05 -14.35 17.84
C CYS D 159 -35.92 -15.36 18.58
N MET D 160 -35.37 -16.53 18.92
CA MET D 160 -36.17 -17.56 19.59
C MET D 160 -36.39 -17.30 21.06
N PHE D 161 -35.59 -16.42 21.68
CA PHE D 161 -35.74 -16.17 23.11
C PHE D 161 -36.99 -15.36 23.43
N THR D 162 -37.47 -14.54 22.48
CA THR D 162 -38.71 -13.80 22.70
C THR D 162 -39.93 -14.69 22.54
N GLY D 163 -39.84 -15.69 21.67
CA GLY D 163 -40.97 -16.54 21.37
C GLY D 163 -41.23 -16.64 19.88
N ILE D 164 -40.35 -16.03 19.09
CA ILE D 164 -40.47 -16.05 17.64
C ILE D 164 -39.68 -17.24 17.11
N TYR D 165 -40.39 -18.23 16.59
CA TYR D 165 -39.78 -19.45 16.09
C TYR D 165 -39.87 -19.51 14.56
N PRO D 166 -38.92 -20.17 13.90
CA PRO D 166 -38.95 -20.22 12.43
C PRO D 166 -40.22 -20.88 11.92
N SER D 167 -40.74 -20.35 10.81
CA SER D 167 -41.96 -20.84 10.20
C SER D 167 -41.72 -21.20 8.75
N ILE D 168 -42.78 -21.53 8.01
CA ILE D 168 -42.63 -21.79 6.59
C ILE D 168 -42.26 -20.52 5.83
N HIS D 169 -42.76 -19.36 6.25
CA HIS D 169 -42.49 -18.09 5.60
C HIS D 169 -41.01 -17.73 5.57
N ILE D 170 -40.15 -18.50 6.23
CA ILE D 170 -38.71 -18.25 6.16
C ILE D 170 -38.10 -18.73 4.86
N ILE D 171 -38.80 -19.59 4.10
CA ILE D 171 -38.24 -20.11 2.85
C ILE D 171 -38.07 -18.95 1.87
N GLN D 172 -38.79 -17.87 2.09
CA GLN D 172 -38.66 -16.68 1.26
C GLN D 172 -37.22 -16.14 1.25
N LEU D 173 -36.45 -16.43 2.30
CA LEU D 173 -35.06 -16.00 2.31
C LEU D 173 -34.29 -16.52 1.11
N LEU D 174 -34.68 -17.69 0.59
CA LEU D 174 -34.01 -18.25 -0.58
C LEU D 174 -34.08 -17.33 -1.79
N ILE D 175 -35.04 -16.40 -1.81
CA ILE D 175 -35.18 -15.46 -2.91
C ILE D 175 -34.57 -14.12 -2.50
N TYR D 176 -34.57 -13.85 -1.19
CA TYR D 176 -34.26 -12.49 -0.73
C TYR D 176 -32.79 -12.31 -0.39
N VAL D 177 -32.17 -13.31 0.23
CA VAL D 177 -30.74 -13.23 0.57
C VAL D 177 -29.89 -13.13 -0.68
N PRO D 178 -30.10 -13.96 -1.71
CA PRO D 178 -29.32 -13.78 -2.96
C PRO D 178 -29.50 -12.42 -3.61
N PHE D 179 -30.73 -11.89 -3.66
CA PHE D 179 -30.98 -10.65 -4.39
C PHE D 179 -30.10 -9.52 -3.88
N CYS D 180 -30.03 -9.35 -2.56
CA CYS D 180 -29.15 -8.34 -1.98
C CYS D 180 -27.74 -8.46 -2.53
N PHE D 181 -27.20 -9.69 -2.53
CA PHE D 181 -25.88 -9.90 -3.14
C PHE D 181 -25.87 -9.42 -4.58
N PHE D 182 -26.84 -9.87 -5.38
CA PHE D 182 -26.87 -9.50 -6.79
C PHE D 182 -27.04 -7.99 -6.95
N LEU D 183 -27.53 -7.31 -5.91
CA LEU D 183 -27.55 -5.86 -5.96
C LEU D 183 -26.15 -5.29 -5.79
N THR D 184 -25.47 -5.67 -4.70
CA THR D 184 -24.19 -5.03 -4.36
C THR D 184 -23.17 -5.18 -5.48
N ALA D 185 -22.98 -6.42 -5.95
CA ALA D 185 -22.07 -6.64 -7.08
C ALA D 185 -22.46 -5.79 -8.28
N SER D 186 -23.76 -5.74 -8.59
CA SER D 186 -24.20 -4.98 -9.75
C SER D 186 -23.79 -3.52 -9.64
N VAL D 187 -23.73 -2.99 -8.42
CA VAL D 187 -23.24 -1.62 -8.24
C VAL D 187 -21.74 -1.56 -8.46
N THR D 188 -20.99 -2.46 -7.81
CA THR D 188 -19.53 -2.35 -7.81
C THR D 188 -18.96 -2.47 -9.22
N LEU D 189 -19.48 -3.41 -10.02
CA LEU D 189 -18.99 -3.60 -11.37
C LEU D 189 -19.05 -2.29 -12.16
N LEU D 190 -20.03 -1.43 -11.84
CA LEU D 190 -20.03 -0.10 -12.44
C LEU D 190 -19.04 0.82 -11.74
N THR D 191 -19.18 0.97 -10.41
CA THR D 191 -18.43 2.00 -9.70
C THR D 191 -16.92 1.76 -9.74
N SER D 192 -16.49 0.52 -9.96
CA SER D 192 -15.06 0.28 -10.16
C SER D 192 -14.58 0.99 -11.42
N THR D 193 -15.24 0.77 -12.55
CA THR D 193 -14.81 1.40 -13.79
C THR D 193 -14.91 2.92 -13.69
N LEU D 194 -16.05 3.42 -13.19
CA LEU D 194 -16.20 4.84 -12.98
C LEU D 194 -15.16 5.38 -12.01
N GLY D 195 -14.61 4.52 -11.15
CA GLY D 195 -13.55 4.94 -10.26
C GLY D 195 -12.22 5.08 -10.95
N VAL D 196 -11.96 4.27 -11.98
CA VAL D 196 -10.70 4.37 -12.71
C VAL D 196 -10.67 5.63 -13.57
N LEU D 197 -11.78 5.91 -14.28
CA LEU D 197 -11.81 7.07 -15.16
C LEU D 197 -11.72 8.37 -14.39
N VAL D 198 -12.56 8.52 -13.36
CA VAL D 198 -12.57 9.70 -12.50
C VAL D 198 -12.33 9.25 -11.07
N ARG D 199 -11.36 9.88 -10.42
CA ARG D 199 -10.99 9.51 -9.05
C ARG D 199 -11.89 10.12 -8.00
N ASP D 200 -12.68 11.14 -8.35
CA ASP D 200 -13.54 11.81 -7.38
C ASP D 200 -14.72 10.97 -6.94
N THR D 201 -15.11 9.96 -7.72
CA THR D 201 -16.27 9.15 -7.38
C THR D 201 -16.09 8.44 -6.04
N GLN D 202 -14.87 7.97 -5.75
CA GLN D 202 -14.61 7.32 -4.47
C GLN D 202 -14.86 8.26 -3.30
N MET D 203 -14.75 9.58 -3.53
CA MET D 203 -15.10 10.53 -2.49
C MET D 203 -16.60 10.80 -2.45
N LEU D 204 -17.29 10.68 -3.59
CA LEU D 204 -18.72 10.93 -3.61
C LEU D 204 -19.50 9.77 -3.01
N MET D 205 -18.98 8.54 -3.14
CA MET D 205 -19.71 7.37 -2.68
C MET D 205 -20.02 7.47 -1.19
N GLN D 206 -19.03 7.88 -0.38
CA GLN D 206 -19.24 8.01 1.05
C GLN D 206 -20.37 8.99 1.36
N ALA D 207 -20.58 9.98 0.50
CA ALA D 207 -21.69 10.92 0.71
C ALA D 207 -23.03 10.29 0.34
N ILE D 208 -23.06 9.45 -0.69
CA ILE D 208 -24.33 8.87 -1.14
C ILE D 208 -24.85 7.86 -0.12
N LEU D 209 -23.98 6.97 0.36
CA LEU D 209 -24.41 5.86 1.19
C LEU D 209 -25.07 6.34 2.48
N ARG D 210 -24.56 7.43 3.07
CA ARG D 210 -25.21 7.99 4.26
C ARG D 210 -26.65 8.36 3.98
N ILE D 211 -26.92 8.97 2.83
CA ILE D 211 -28.29 9.30 2.47
C ILE D 211 -29.12 8.03 2.33
N LEU D 212 -28.50 6.94 1.86
CA LEU D 212 -29.23 5.68 1.73
C LEU D 212 -29.45 5.02 3.09
N PHE D 213 -28.76 5.48 4.13
CA PHE D 213 -28.89 4.85 5.43
C PHE D 213 -30.01 5.48 6.25
N TYR D 214 -29.99 6.81 6.37
CA TYR D 214 -30.95 7.50 7.23
C TYR D 214 -32.33 7.59 6.61
N PHE D 215 -32.43 7.61 5.28
CA PHE D 215 -33.72 7.61 4.60
C PHE D 215 -34.10 6.18 4.24
N SER D 216 -34.32 5.39 5.29
CA SER D 216 -34.58 3.97 5.15
C SER D 216 -35.34 3.50 6.40
N PRO D 217 -36.07 2.38 6.31
CA PRO D 217 -36.82 1.91 7.48
C PRO D 217 -35.96 1.15 8.48
N ILE D 218 -34.64 1.30 8.36
CA ILE D 218 -33.73 0.59 9.25
C ILE D 218 -33.89 1.08 10.69
N LEU D 219 -34.01 2.40 10.89
CA LEU D 219 -34.10 2.97 12.22
C LEU D 219 -35.44 3.60 12.54
N TRP D 220 -36.24 3.97 11.55
CA TRP D 220 -37.47 4.69 11.79
C TRP D 220 -38.52 4.31 10.75
N LEU D 221 -39.78 4.62 11.05
CA LEU D 221 -40.89 4.33 10.16
C LEU D 221 -41.66 5.63 9.93
N PRO D 222 -41.84 6.08 8.69
CA PRO D 222 -42.57 7.33 8.46
C PRO D 222 -44.04 7.22 8.83
N LYS D 223 -44.65 8.38 9.07
CA LYS D 223 -46.06 8.39 9.55
C LYS D 223 -47.05 8.71 8.42
N ASN D 224 -46.60 9.34 7.33
CA ASN D 224 -47.48 9.69 6.23
C ASN D 224 -48.50 10.76 6.60
N HIS D 225 -49.48 10.98 5.71
CA HIS D 225 -50.58 11.93 5.91
C HIS D 225 -50.07 13.31 6.36
N GLY D 226 -49.04 13.81 5.68
CA GLY D 226 -48.51 15.12 5.96
C GLY D 226 -47.27 15.42 5.16
N ILE D 227 -46.33 16.18 5.75
CA ILE D 227 -45.04 16.41 5.10
C ILE D 227 -44.19 15.15 5.07
N SER D 228 -44.51 14.16 5.89
CA SER D 228 -43.85 12.86 5.86
C SER D 228 -44.48 11.90 4.86
N GLY D 229 -45.66 12.23 4.33
CA GLY D 229 -46.24 11.41 3.28
C GLY D 229 -45.43 11.46 2.00
N LEU D 230 -44.96 12.64 1.61
CA LEU D 230 -44.04 12.75 0.48
C LEU D 230 -42.74 12.01 0.78
N ILE D 231 -42.26 12.08 2.02
CA ILE D 231 -41.06 11.33 2.40
C ILE D 231 -41.31 9.83 2.27
N HIS D 232 -42.50 9.37 2.71
CA HIS D 232 -42.82 7.96 2.59
C HIS D 232 -42.88 7.52 1.12
N GLU D 233 -43.47 8.36 0.26
CA GLU D 233 -43.55 8.00 -1.16
C GLU D 233 -42.19 8.05 -1.82
N MET D 234 -41.30 8.93 -1.38
CA MET D 234 -39.96 9.01 -1.92
C MET D 234 -39.06 7.88 -1.44
N MET D 235 -39.30 7.37 -0.22
CA MET D 235 -38.47 6.30 0.33
C MET D 235 -38.66 4.97 -0.38
N LYS D 236 -39.79 4.77 -1.06
CA LYS D 236 -40.03 3.51 -1.75
C LYS D 236 -39.09 3.30 -2.92
N TYR D 237 -38.47 4.37 -3.43
CA TYR D 237 -37.50 4.25 -4.52
C TYR D 237 -36.12 3.80 -4.03
N ASN D 238 -35.89 3.80 -2.72
CA ASN D 238 -34.64 3.31 -2.17
C ASN D 238 -34.65 1.78 -2.14
N PRO D 239 -33.68 1.11 -2.78
CA PRO D 239 -33.67 -0.36 -2.76
C PRO D 239 -33.45 -0.96 -1.39
N VAL D 240 -32.89 -0.21 -0.43
CA VAL D 240 -32.70 -0.75 0.92
C VAL D 240 -34.03 -0.96 1.62
N TYR D 241 -35.02 -0.13 1.28
CA TYR D 241 -36.36 -0.27 1.85
C TYR D 241 -36.92 -1.66 1.57
N PHE D 242 -36.84 -2.10 0.31
CA PHE D 242 -37.39 -3.40 -0.07
C PHE D 242 -36.67 -4.53 0.66
N ILE D 243 -35.34 -4.47 0.73
CA ILE D 243 -34.58 -5.54 1.37
C ILE D 243 -34.92 -5.64 2.85
N ALA D 244 -34.92 -4.50 3.56
CA ALA D 244 -35.21 -4.52 4.98
C ALA D 244 -36.63 -5.01 5.26
N GLU D 245 -37.61 -4.51 4.50
CA GLU D 245 -38.99 -4.92 4.71
C GLU D 245 -39.19 -6.40 4.41
N SER D 246 -38.54 -6.90 3.34
CA SER D 246 -38.67 -8.31 2.99
C SER D 246 -38.04 -9.20 4.06
N TYR D 247 -36.87 -8.81 4.58
CA TYR D 247 -36.27 -9.58 5.67
C TYR D 247 -37.18 -9.62 6.89
N ARG D 248 -37.74 -8.47 7.26
CA ARG D 248 -38.63 -8.44 8.42
C ARG D 248 -39.87 -9.30 8.20
N ALA D 249 -40.44 -9.24 6.99
CA ALA D 249 -41.61 -10.07 6.69
C ALA D 249 -41.28 -11.55 6.77
N ALA D 250 -40.13 -11.94 6.22
CA ALA D 250 -39.74 -13.34 6.24
C ALA D 250 -39.49 -13.84 7.66
N ILE D 251 -38.84 -13.04 8.49
CA ILE D 251 -38.38 -13.52 9.80
C ILE D 251 -39.37 -13.17 10.91
N LEU D 252 -39.88 -11.93 10.93
CA LEU D 252 -40.67 -11.44 12.06
C LEU D 252 -42.17 -11.53 11.85
N TYR D 253 -42.68 -11.00 10.75
CA TYR D 253 -44.10 -10.73 10.61
C TYR D 253 -44.93 -11.94 10.16
N HIS D 254 -44.30 -13.01 9.69
CA HIS D 254 -45.01 -14.20 9.20
C HIS D 254 -46.00 -13.83 8.09
N GLU D 255 -45.45 -13.34 6.98
CA GLU D 255 -46.28 -12.85 5.89
C GLU D 255 -45.58 -13.10 4.56
N TRP D 256 -46.35 -13.52 3.56
CA TRP D 256 -45.83 -13.65 2.20
C TRP D 256 -45.69 -12.26 1.60
N TYR D 257 -44.45 -11.75 1.52
CA TYR D 257 -44.23 -10.37 1.16
C TYR D 257 -44.53 -10.09 -0.30
N PHE D 258 -44.32 -11.06 -1.19
CA PHE D 258 -44.43 -10.83 -2.62
C PHE D 258 -45.88 -10.75 -3.11
N MET D 259 -46.85 -11.13 -2.30
CA MET D 259 -48.24 -11.06 -2.74
C MET D 259 -48.77 -9.64 -2.75
N ASP D 260 -48.30 -8.79 -1.83
CA ASP D 260 -48.80 -7.43 -1.73
C ASP D 260 -47.89 -6.38 -2.36
N HIS D 261 -46.62 -6.72 -2.60
CA HIS D 261 -45.63 -5.76 -3.06
C HIS D 261 -44.80 -6.32 -4.22
N TRP D 262 -45.48 -6.90 -5.21
CA TRP D 262 -44.78 -7.40 -6.39
C TRP D 262 -44.31 -6.27 -7.31
N LYS D 263 -44.94 -5.10 -7.23
CA LYS D 263 -44.48 -3.95 -8.01
C LYS D 263 -43.08 -3.53 -7.59
N LEU D 264 -42.82 -3.52 -6.27
CA LEU D 264 -41.47 -3.21 -5.80
C LEU D 264 -40.47 -4.27 -6.26
N MET D 265 -40.88 -5.54 -6.25
CA MET D 265 -40.02 -6.60 -6.76
C MET D 265 -39.63 -6.35 -8.20
N LEU D 266 -40.61 -6.04 -9.06
CA LEU D 266 -40.33 -5.80 -10.47
C LEU D 266 -39.45 -4.57 -10.66
N TYR D 267 -39.73 -3.49 -9.90
CA TYR D 267 -38.94 -2.28 -10.02
C TYR D 267 -37.48 -2.52 -9.63
N ASN D 268 -37.25 -3.27 -8.55
CA ASN D 268 -35.88 -3.54 -8.13
C ASN D 268 -35.18 -4.49 -9.09
N PHE D 269 -35.90 -5.46 -9.67
CA PHE D 269 -35.29 -6.31 -10.68
C PHE D 269 -34.86 -5.49 -11.90
N GLY D 270 -35.71 -4.54 -12.32
CA GLY D 270 -35.32 -3.67 -13.41
C GLY D 270 -34.12 -2.80 -13.09
N ILE D 271 -34.06 -2.29 -11.85
CA ILE D 271 -32.91 -1.48 -11.43
C ILE D 271 -31.63 -2.30 -11.50
N VAL D 272 -31.69 -3.54 -10.99
CA VAL D 272 -30.51 -4.40 -11.01
C VAL D 272 -30.09 -4.71 -12.44
N ALA D 273 -31.04 -5.00 -13.32
CA ALA D 273 -30.70 -5.28 -14.72
C ALA D 273 -30.07 -4.08 -15.40
N ILE D 274 -30.61 -2.88 -15.15
CA ILE D 274 -30.04 -1.68 -15.77
C ILE D 274 -28.62 -1.43 -15.28
N PHE D 275 -28.41 -1.57 -13.97
CA PHE D 275 -27.06 -1.39 -13.42
C PHE D 275 -26.09 -2.39 -14.03
N PHE D 276 -26.49 -3.66 -14.12
CA PHE D 276 -25.61 -4.67 -14.68
C PHE D 276 -25.28 -4.37 -16.14
N ALA D 277 -26.27 -3.98 -16.93
CA ALA D 277 -26.03 -3.71 -18.35
C ALA D 277 -25.07 -2.54 -18.52
N ILE D 278 -25.32 -1.43 -17.84
CA ILE D 278 -24.47 -0.27 -17.97
C ILE D 278 -23.04 -0.58 -17.50
N GLY D 279 -22.92 -1.26 -16.37
CA GLY D 279 -21.60 -1.60 -15.86
C GLY D 279 -20.83 -2.50 -16.80
N ALA D 280 -21.47 -3.53 -17.34
CA ALA D 280 -20.81 -4.43 -18.27
C ALA D 280 -20.36 -3.70 -19.52
N TYR D 281 -21.23 -2.87 -20.10
CA TYR D 281 -20.86 -2.15 -21.31
C TYR D 281 -19.67 -1.21 -21.06
N LEU D 282 -19.72 -0.43 -19.97
CA LEU D 282 -18.64 0.49 -19.68
C LEU D 282 -17.35 -0.25 -19.38
N HIS D 283 -17.42 -1.37 -18.66
CA HIS D 283 -16.22 -2.14 -18.35
C HIS D 283 -15.59 -2.70 -19.60
N MET D 284 -16.39 -3.21 -20.53
CA MET D 284 -15.83 -3.79 -21.75
C MET D 284 -15.32 -2.72 -22.70
N LYS D 285 -15.89 -1.52 -22.69
CA LYS D 285 -15.44 -0.50 -23.63
C LYS D 285 -14.06 0.06 -23.25
N TYR D 286 -13.81 0.25 -21.95
CA TYR D 286 -12.58 0.89 -21.48
C TYR D 286 -11.59 -0.09 -20.89
N ARG D 287 -11.78 -1.40 -21.09
CA ARG D 287 -10.91 -2.39 -20.47
C ARG D 287 -9.49 -2.30 -21.00
N ASP D 288 -9.34 -2.03 -22.31
CA ASP D 288 -8.00 -2.05 -22.91
C ASP D 288 -7.15 -0.87 -22.46
N GLN D 289 -7.76 0.29 -22.22
CA GLN D 289 -7.04 1.51 -21.90
C GLN D 289 -6.97 1.77 -20.39
N PHE D 290 -6.91 0.71 -19.58
CA PHE D 290 -6.87 0.88 -18.13
C PHE D 290 -5.52 1.43 -17.68
N ALA D 291 -4.43 0.95 -18.29
CA ALA D 291 -3.09 1.34 -17.85
C ALA D 291 -2.82 2.82 -18.10
N ASP D 292 -3.31 3.37 -19.21
CA ASP D 292 -3.08 4.78 -19.50
C ASP D 292 -3.78 5.67 -18.49
N PHE D 293 -5.01 5.31 -18.09
CA PHE D 293 -5.74 6.09 -17.11
C PHE D 293 -5.16 5.93 -15.71
N LEU D 294 -4.83 4.71 -15.32
CA LEU D 294 -4.31 4.44 -13.99
C LEU D 294 -2.79 4.60 -13.98
C4 A1AV9 E . -29.54 8.70 25.14
C5 A1AV9 E . -29.19 7.37 25.32
C6 A1AV9 E . -29.60 6.69 26.46
C7 A1AV9 E . -29.09 9.39 23.89
C8 A1AV9 E . -27.87 9.17 23.23
C10 A1AV9 E . -28.92 10.69 21.99
C20 A1AV9 E . -31.47 11.95 22.24
C21 A1AV9 E . -31.07 11.03 23.19
C24 A1AV9 E . -33.18 13.61 21.35
C26 A1AV9 E . -28.35 12.00 19.79
C1 A1AV9 E . -30.34 7.35 27.43
C11 A1AV9 E . -29.83 10.40 23.08
C18 A1AV9 E . -29.28 11.67 20.93
C19 A1AV9 E . -30.60 12.32 21.09
C2 A1AV9 E . -30.69 8.68 27.25
C23 A1AV9 E . -32.23 13.88 20.24
C25 A1AV9 E . -32.78 12.61 22.38
C27 A1AV9 E . -33.69 12.28 23.52
C29 A1AV9 E . -34.53 14.27 21.48
C3 A1AV9 E . -30.28 9.36 26.11
C30 A1AV9 E . -34.46 15.78 21.52
C32 A1AV9 E . -36.13 16.14 19.74
C33 A1AV9 E . -37.41 16.96 19.70
C34 A1AV9 E . -37.21 18.03 20.76
C35 A1AV9 E . -36.37 17.34 21.83
C41 A1AV9 E . -35.62 18.39 22.59
N31 A1AV9 E . -35.56 16.38 21.05
O22 A1AV9 E . -31.02 13.25 20.16
O28 A1AV9 E . -32.53 14.71 19.34
O42 A1AV9 E . -35.12 18.07 23.69
O43 A1AV9 E . -35.52 19.54 22.11
O44 A1AV9 E . -33.46 16.33 21.94
O9 A1AV9 E . -27.82 9.97 22.10
CL1 A1AV9 E . -30.87 6.47 28.90
PG ANP F . 21.60 -11.45 -0.24
O1G ANP F . 21.21 -10.03 0.01
O2G ANP F . 20.31 -12.32 -0.49
O3G ANP F . 22.50 -11.51 -1.55
PB ANP F . 22.32 -11.11 2.43
O1B ANP F . 23.65 -11.04 3.12
O2B ANP F . 21.89 -9.67 2.01
N3B ANP F . 22.46 -12.08 1.07
PA ANP F . 20.58 -10.77 4.50
O1A ANP F . 21.60 -10.02 5.28
O2A ANP F . 19.56 -9.87 3.79
O3A ANP F . 21.26 -11.70 3.40
O5' ANP F . 19.88 -11.77 5.49
C5' ANP F . 20.63 -12.47 6.51
C4' ANP F . 19.73 -13.47 7.18
O4' ANP F . 18.91 -12.81 8.16
C3' ANP F . 18.78 -14.24 6.25
O3' ANP F . 18.77 -15.62 6.56
C2' ANP F . 17.42 -13.58 6.51
O2' ANP F . 16.35 -14.50 6.33
C1' ANP F . 17.56 -13.20 7.98
N9 ANP F . 16.71 -12.09 8.39
C8 ANP F . 16.70 -10.81 7.90
N7 ANP F . 15.82 -10.02 8.46
C5 ANP F . 15.20 -10.84 9.39
C6 ANP F . 14.16 -10.60 10.31
N6 ANP F . 13.55 -9.42 10.45
N1 ANP F . 13.77 -11.62 11.10
C2 ANP F . 14.38 -12.80 10.96
N3 ANP F . 15.36 -13.14 10.12
C4 ANP F . 15.72 -12.12 9.36
MG MG G . 20.61 -8.06 0.43
PG ANP H . 15.98 -1.11 -18.49
O1G ANP H . 14.90 -2.03 -18.01
O2G ANP H . 15.97 0.19 -17.59
O3G ANP H . 17.38 -1.82 -18.34
PB ANP H . 14.19 -1.11 -20.63
O1B ANP H . 14.28 -1.64 -22.02
O2B ANP H . 13.59 -2.19 -19.69
N3B ANP H . 15.73 -0.69 -20.11
PA ANP H . 11.68 -0.03 -20.58
O1A ANP H . 11.23 -0.95 -21.64
O2A ANP H . 11.29 -0.44 -19.16
O3A ANP H . 13.26 0.15 -20.62
O5' ANP H . 11.12 1.41 -20.94
C5' ANP H . 11.07 1.87 -22.31
C4' ANP H . 10.65 3.32 -22.32
O4' ANP H . 9.22 3.41 -22.18
C3' ANP H . 11.26 4.19 -21.22
O3' ANP H . 11.70 5.44 -21.75
C2' ANP H . 10.11 4.37 -20.24
O2' ANP H . 10.18 5.62 -19.56
C1' ANP H . 8.90 4.35 -21.18
N9 ANP H . 7.66 3.95 -20.54
C8 ANP H . 7.40 2.76 -19.91
N7 ANP H . 6.18 2.66 -19.42
C5 ANP H . 5.60 3.88 -19.76
C6 ANP H . 4.31 4.41 -19.53
N6 ANP H . 3.35 3.76 -18.88
N1 ANP H . 4.06 5.66 -20.00
C2 ANP H . 5.03 6.32 -20.64
N3 ANP H . 6.27 5.92 -20.91
C4 ANP H . 6.50 4.68 -20.44
MG MG I . 13.35 -3.29 -17.36
C4 A1AV9 J . -36.60 13.41 7.81
C5 A1AV9 J . -35.92 14.40 7.12
C6 A1AV9 J . -36.61 15.45 6.53
C7 A1AV9 J . -35.81 12.31 8.45
C8 A1AV9 J . -34.64 11.73 7.92
C10 A1AV9 J . -34.97 10.67 9.84
C20 A1AV9 J . -36.99 10.93 11.86
C21 A1AV9 J . -37.04 11.75 10.73
C24 A1AV9 J . -37.95 10.17 14.08
C26 A1AV9 J . -33.74 8.78 11.15
C1 A1AV9 J . -37.99 15.50 6.61
C11 A1AV9 J . -36.07 11.64 9.75
C18 A1AV9 J . -34.85 9.77 11.01
C19 A1AV9 J . -35.91 9.92 12.05
C2 A1AV9 J . -38.68 14.51 7.31
C23 A1AV9 J . -36.83 9.20 14.17
C25 A1AV9 J . -38.03 11.06 12.91
C27 A1AV9 J . -39.14 12.06 12.76
C29 A1AV9 J . -39.01 10.32 15.16
C3 A1AV9 J . -37.98 13.46 7.90
C30 A1AV9 J . -39.74 9.03 15.46
C32 A1AV9 J . -39.41 9.11 17.89
C33 A1AV9 J . -40.39 9.05 19.05
C34 A1AV9 J . -41.59 8.33 18.49
C35 A1AV9 J . -41.63 8.74 17.04
C41 A1AV9 J . -42.36 7.69 16.25
N31 A1AV9 J . -40.22 8.96 16.70
O22 A1AV9 J . -35.88 9.12 13.18
O28 A1AV9 J . -36.72 8.45 15.15
O42 A1AV9 J . -42.77 7.97 15.11
O43 A1AV9 J . -42.53 6.57 16.77
O44 A1AV9 J . -39.86 8.18 14.58
O9 A1AV9 J . -34.20 10.76 8.79
CL1 A1AV9 J . -38.89 16.85 5.85
#